data_1JVQ
#
_entry.id   1JVQ
#
_cell.length_a   69.144
_cell.length_b   100.622
_cell.length_c   87.157
_cell.angle_alpha   90.00
_cell.angle_beta   104.42
_cell.angle_gamma   90.00
#
_symmetry.space_group_name_H-M   'P 1 21 1'
#
loop_
_entity.id
_entity.type
_entity.pdbx_description
1 polymer ANTITHROMBIN-III
2 polymer 'P14-P8 reactive loop peptide'
3 polymer 'exogenous Cholecystokinin tetrapeptide'
4 non-polymer 2-acetamido-2-deoxy-alpha-D-glucopyranose
5 non-polymer 2-acetamido-2-deoxy-beta-D-glucopyranose
6 water water
#
loop_
_entity_poly.entity_id
_entity_poly.type
_entity_poly.pdbx_seq_one_letter_code
_entity_poly.pdbx_strand_id
1 'polypeptide(L)'
;HGSPVDICTAKPRDIPMNPMCIYRSPEKKATEDEGSEQKIPEATNRRVWELSKANSRFATTFYQHLADSKNDNDNIFLSP
LSISTAFAMTKLGACNDTLQQLMEVFKFDTISEKTSDQIHFFFAKLNCRLYRKANKSSKLVSANRLFGDKSLTFNETYQD
ISELVYGAKLQPLDFKENAEQSRAAINKWVSNKTEGRITDVIPSEAINELTVLVLVNTIYFKGLWKSKFSPENTRKELFY
KADGESCSASMMYQEGKFRYRRVAEGTQVLELPFKGDDITMVLILPKPEKSLAKVEKELTPEVLQEWLDELEEMMLVVHM
PRFRIEDGFSLKEQLQDMGLVDLFSPEKSKLPGIVAEGRDDLYVSDAFHKAFLEVNEEGSEAAASTAVVIAGRSLNPNRV
TFKANRPFLVFIREVPLNTIIFMGRVANPCVK
;
L,I
2 'polypeptide(L)' (ACE)SEAAAST C
3 'polypeptide(L)' WMDF(NH2) D
#
loop_
_chem_comp.id
_chem_comp.type
_chem_comp.name
_chem_comp.formula
ACE non-polymer 'ACETYL GROUP' 'C2 H4 O'
NAG D-saccharide, beta linking 2-acetamido-2-deoxy-beta-D-glucopyranose 'C8 H15 N O6'
NDG D-saccharide, alpha linking 2-acetamido-2-deoxy-alpha-D-glucopyranose 'C8 H15 N O6'
NH2 non-polymer 'AMINO GROUP' 'H2 N'
#
# COMPACT_ATOMS: atom_id res chain seq x y z
N VAL A 5 -10.89 -44.07 27.14
CA VAL A 5 -11.30 -44.14 25.74
C VAL A 5 -11.22 -42.76 25.08
N ASP A 6 -10.30 -42.62 24.14
CA ASP A 6 -10.12 -41.36 23.43
C ASP A 6 -10.36 -41.58 21.96
N ILE A 7 -11.48 -41.06 21.44
CA ILE A 7 -11.80 -41.24 20.02
C ILE A 7 -10.69 -40.68 19.16
N CYS A 8 -9.91 -39.80 19.74
CA CYS A 8 -8.82 -39.18 19.01
C CYS A 8 -7.66 -40.15 18.75
N THR A 9 -7.38 -41.04 19.70
CA THR A 9 -6.31 -42.03 19.57
C THR A 9 -6.80 -43.37 19.05
N ALA A 10 -7.97 -43.77 19.56
CA ALA A 10 -8.62 -45.03 19.24
C ALA A 10 -8.79 -45.38 17.75
N LYS A 11 -8.82 -46.68 17.47
CA LYS A 11 -8.99 -47.21 16.12
C LYS A 11 -10.48 -47.24 15.83
N PRO A 12 -10.86 -47.32 14.55
CA PRO A 12 -12.30 -47.34 14.25
C PRO A 12 -12.97 -48.57 14.85
N ARG A 13 -12.16 -49.57 15.17
CA ARG A 13 -12.60 -50.85 15.71
C ARG A 13 -13.05 -50.77 17.18
N ASP A 14 -12.39 -49.90 17.95
CA ASP A 14 -12.69 -49.74 19.37
C ASP A 14 -14.01 -49.04 19.65
N ILE A 15 -14.23 -47.91 18.98
CA ILE A 15 -15.44 -47.13 19.16
C ILE A 15 -16.63 -47.76 18.43
N PRO A 16 -17.57 -48.34 19.19
CA PRO A 16 -18.75 -48.98 18.60
C PRO A 16 -19.86 -48.01 18.19
N MET A 17 -19.93 -47.74 16.89
CA MET A 17 -20.95 -46.87 16.36
C MET A 17 -22.17 -47.75 16.19
N ASN A 18 -23.19 -47.52 17.00
CA ASN A 18 -24.38 -48.35 16.91
C ASN A 18 -25.57 -47.60 16.33
N PRO A 19 -25.36 -46.80 15.27
CA PRO A 19 -26.48 -46.05 14.70
C PRO A 19 -27.64 -46.98 14.35
N MET A 20 -28.84 -46.41 14.30
CA MET A 20 -30.03 -47.19 13.99
C MET A 20 -30.05 -47.62 12.54
N CYS A 21 -30.10 -46.67 11.64
CA CYS A 21 -30.12 -46.96 10.20
C CYS A 21 -28.75 -46.69 9.62
N ILE A 22 -28.54 -47.13 8.38
CA ILE A 22 -27.27 -46.94 7.71
C ILE A 22 -27.45 -46.73 6.21
N TYR A 23 -26.46 -46.11 5.57
CA TYR A 23 -26.48 -45.87 4.14
C TYR A 23 -25.08 -45.61 3.64
N ASN A 45 -6.98 -40.65 8.64
CA ASN A 45 -5.90 -40.85 7.67
C ASN A 45 -6.17 -40.07 6.37
N ARG A 46 -6.53 -40.77 5.31
CA ARG A 46 -6.86 -40.14 4.04
C ARG A 46 -8.35 -39.83 4.14
N ARG A 47 -9.03 -40.55 5.03
CA ARG A 47 -10.46 -40.37 5.27
C ARG A 47 -10.69 -38.98 5.80
N VAL A 48 -9.92 -38.60 6.83
CA VAL A 48 -10.02 -37.28 7.42
C VAL A 48 -9.97 -36.29 6.27
N TRP A 49 -8.98 -36.49 5.41
CA TRP A 49 -8.77 -35.61 4.27
C TRP A 49 -9.99 -35.52 3.36
N GLU A 50 -10.50 -36.66 2.91
CA GLU A 50 -11.65 -36.68 2.01
C GLU A 50 -12.87 -36.05 2.65
N LEU A 51 -12.92 -36.10 3.98
CA LEU A 51 -14.05 -35.49 4.68
C LEU A 51 -13.91 -33.97 4.56
N SER A 52 -12.67 -33.49 4.69
CA SER A 52 -12.40 -32.08 4.58
C SER A 52 -12.79 -31.64 3.18
N LYS A 53 -12.53 -32.49 2.20
CA LYS A 53 -12.92 -32.11 0.86
C LYS A 53 -14.43 -32.01 0.81
N ALA A 54 -15.10 -33.02 1.36
CA ALA A 54 -16.56 -33.06 1.39
C ALA A 54 -17.12 -31.77 1.97
N ASN A 55 -16.58 -31.37 3.13
CA ASN A 55 -17.02 -30.16 3.81
C ASN A 55 -16.75 -28.92 2.95
N SER A 56 -15.62 -28.92 2.24
CA SER A 56 -15.29 -27.79 1.41
C SER A 56 -16.26 -27.65 0.27
N ARG A 57 -16.71 -28.77 -0.28
CA ARG A 57 -17.67 -28.69 -1.36
C ARG A 57 -18.97 -28.13 -0.83
N PHE A 58 -19.34 -28.54 0.39
CA PHE A 58 -20.58 -28.05 0.98
C PHE A 58 -20.47 -26.54 1.18
N ALA A 59 -19.31 -26.11 1.66
CA ALA A 59 -19.06 -24.71 1.91
C ALA A 59 -19.34 -23.85 0.67
N THR A 60 -18.64 -24.11 -0.43
CA THR A 60 -18.83 -23.31 -1.64
C THR A 60 -20.23 -23.40 -2.23
N THR A 61 -20.78 -24.60 -2.35
CA THR A 61 -22.12 -24.70 -2.90
C THR A 61 -23.10 -23.94 -2.03
N PHE A 62 -22.99 -24.14 -0.72
CA PHE A 62 -23.90 -23.48 0.17
C PHE A 62 -23.76 -21.97 0.05
N TYR A 63 -22.52 -21.49 0.00
CA TYR A 63 -22.25 -20.06 -0.08
C TYR A 63 -22.92 -19.44 -1.29
N GLN A 64 -22.91 -20.18 -2.39
CA GLN A 64 -23.50 -19.71 -3.60
C GLN A 64 -25.01 -19.58 -3.44
N HIS A 65 -25.65 -20.59 -2.90
CA HIS A 65 -27.10 -20.51 -2.71
C HIS A 65 -27.43 -19.35 -1.81
N LEU A 66 -26.61 -19.17 -0.78
CA LEU A 66 -26.84 -18.10 0.16
C LEU A 66 -26.73 -16.76 -0.55
N ALA A 67 -25.70 -16.60 -1.38
CA ALA A 67 -25.50 -15.35 -2.09
C ALA A 67 -26.68 -15.02 -3.00
N ASP A 68 -27.18 -16.03 -3.71
CA ASP A 68 -28.33 -15.87 -4.63
C ASP A 68 -29.57 -15.35 -3.91
N SER A 69 -29.55 -15.42 -2.59
CA SER A 69 -30.68 -14.95 -1.81
C SER A 69 -30.38 -13.61 -1.16
N LYS A 70 -29.20 -13.07 -1.45
CA LYS A 70 -28.81 -11.80 -0.87
C LYS A 70 -28.52 -10.73 -1.93
N ASN A 71 -28.35 -9.49 -1.47
CA ASN A 71 -28.02 -8.38 -2.36
C ASN A 71 -26.49 -8.37 -2.53
N ASP A 72 -26.03 -8.47 -3.78
CA ASP A 72 -24.59 -8.51 -4.08
C ASP A 72 -23.73 -7.55 -3.26
N ASN A 73 -24.37 -6.62 -2.54
CA ASN A 73 -23.65 -5.65 -1.72
C ASN A 73 -23.85 -5.76 -0.23
N ASP A 74 -24.44 -6.86 0.22
CA ASP A 74 -24.65 -7.06 1.66
C ASP A 74 -23.52 -7.92 2.18
N ASN A 75 -23.29 -7.85 3.49
CA ASN A 75 -22.26 -8.67 4.09
C ASN A 75 -22.76 -10.10 4.19
N ILE A 76 -21.82 -11.04 4.23
CA ILE A 76 -22.17 -12.44 4.38
C ILE A 76 -21.04 -13.09 5.16
N PHE A 77 -21.36 -13.59 6.34
CA PHE A 77 -20.35 -14.27 7.14
C PHE A 77 -20.91 -15.52 7.76
N LEU A 78 -20.17 -16.60 7.70
CA LEU A 78 -20.69 -17.83 8.26
C LEU A 78 -19.64 -18.87 8.38
N SER A 79 -19.88 -19.84 9.26
CA SER A 79 -18.94 -20.92 9.39
C SER A 79 -19.54 -22.18 8.79
N PRO A 80 -19.05 -22.59 7.62
CA PRO A 80 -19.60 -23.80 6.99
C PRO A 80 -19.29 -25.02 7.83
N LEU A 81 -18.16 -24.98 8.54
CA LEU A 81 -17.73 -26.11 9.37
C LEU A 81 -18.78 -26.38 10.43
N SER A 82 -19.26 -25.31 11.06
CA SER A 82 -20.28 -25.34 12.10
C SER A 82 -21.54 -26.06 11.61
N ILE A 83 -22.06 -25.59 10.48
CA ILE A 83 -23.24 -26.15 9.89
C ILE A 83 -23.04 -27.62 9.57
N SER A 84 -21.89 -27.95 8.99
CA SER A 84 -21.64 -29.36 8.67
C SER A 84 -21.62 -30.19 9.94
N THR A 85 -21.16 -29.57 11.02
CA THR A 85 -21.07 -30.27 12.28
C THR A 85 -22.44 -30.46 12.90
N ALA A 86 -23.28 -29.44 12.89
CA ALA A 86 -24.61 -29.57 13.48
C ALA A 86 -25.47 -30.56 12.69
N PHE A 87 -25.36 -30.55 11.37
CA PHE A 87 -26.17 -31.47 10.61
C PHE A 87 -25.64 -32.90 10.61
N ALA A 88 -24.40 -33.08 11.06
CA ALA A 88 -23.82 -34.42 11.14
C ALA A 88 -24.33 -34.99 12.47
N MET A 89 -24.38 -34.12 13.48
CA MET A 89 -24.87 -34.51 14.79
C MET A 89 -26.33 -34.97 14.64
N THR A 90 -27.07 -34.28 13.79
CA THR A 90 -28.48 -34.58 13.56
C THR A 90 -28.66 -35.89 12.81
N LYS A 91 -27.69 -36.20 11.95
CA LYS A 91 -27.74 -37.41 11.13
C LYS A 91 -27.59 -38.68 11.97
N LEU A 92 -27.06 -38.56 13.18
CA LEU A 92 -26.91 -39.70 14.07
C LEU A 92 -28.25 -40.37 14.31
N GLY A 93 -29.33 -39.61 14.18
CA GLY A 93 -30.64 -40.20 14.39
C GLY A 93 -31.52 -40.21 13.15
N ALA A 94 -30.93 -40.04 11.96
CA ALA A 94 -31.71 -40.02 10.73
C ALA A 94 -31.82 -41.41 10.10
N CYS A 95 -32.84 -41.56 9.26
CA CYS A 95 -33.11 -42.83 8.61
C CYS A 95 -33.70 -42.64 7.20
N ASN A 96 -33.72 -43.70 6.40
CA ASN A 96 -34.30 -43.66 5.05
C ASN A 96 -33.71 -42.59 4.14
N ASP A 97 -34.61 -41.85 3.50
CA ASP A 97 -34.26 -40.79 2.59
C ASP A 97 -33.60 -39.65 3.34
N THR A 98 -34.14 -39.36 4.52
CA THR A 98 -33.63 -38.29 5.36
C THR A 98 -32.13 -38.58 5.58
N LEU A 99 -31.82 -39.80 5.95
CA LEU A 99 -30.44 -40.17 6.15
C LEU A 99 -29.66 -40.06 4.85
N GLN A 100 -30.32 -40.33 3.73
CA GLN A 100 -29.65 -40.26 2.44
C GLN A 100 -29.45 -38.81 1.95
N GLN A 101 -30.52 -38.03 1.99
CA GLN A 101 -30.43 -36.66 1.57
C GLN A 101 -29.34 -35.96 2.38
N LEU A 102 -29.27 -36.27 3.67
CA LEU A 102 -28.25 -35.68 4.54
C LEU A 102 -26.88 -36.10 4.04
N MET A 103 -26.71 -37.39 3.79
CA MET A 103 -25.43 -37.89 3.31
C MET A 103 -24.96 -37.25 2.01
N GLU A 104 -25.91 -36.89 1.14
CA GLU A 104 -25.59 -36.29 -0.15
C GLU A 104 -25.38 -34.79 -0.10
N VAL A 105 -26.30 -34.08 0.54
CA VAL A 105 -26.22 -32.63 0.63
C VAL A 105 -24.94 -32.12 1.27
N PHE A 106 -24.42 -32.84 2.26
CA PHE A 106 -23.21 -32.39 2.91
C PHE A 106 -22.00 -33.10 2.34
N LYS A 107 -22.25 -33.86 1.28
CA LYS A 107 -21.21 -34.56 0.56
C LYS A 107 -20.51 -35.70 1.26
N PHE A 108 -21.00 -36.12 2.41
CA PHE A 108 -20.32 -37.21 3.11
C PHE A 108 -20.30 -38.46 2.25
N ASP A 109 -21.21 -38.50 1.28
CA ASP A 109 -21.33 -39.64 0.39
C ASP A 109 -20.26 -39.67 -0.68
N THR A 110 -19.20 -38.89 -0.52
CA THR A 110 -18.13 -38.88 -1.50
C THR A 110 -16.88 -39.43 -0.82
N ILE A 111 -16.99 -39.65 0.48
CA ILE A 111 -15.90 -40.22 1.26
C ILE A 111 -15.91 -41.72 0.99
N SER A 112 -14.76 -42.29 0.68
CA SER A 112 -14.68 -43.71 0.39
C SER A 112 -14.93 -44.59 1.62
N GLU A 113 -16.21 -44.77 1.93
CA GLU A 113 -16.68 -45.59 3.05
C GLU A 113 -17.96 -46.28 2.61
N LYS A 114 -18.19 -47.49 3.08
CA LYS A 114 -19.39 -48.20 2.67
C LYS A 114 -20.62 -47.93 3.52
N THR A 115 -20.43 -47.33 4.69
CA THR A 115 -21.57 -47.04 5.58
C THR A 115 -21.64 -45.60 6.09
N SER A 116 -22.87 -45.08 6.07
CA SER A 116 -23.17 -43.73 6.53
C SER A 116 -22.68 -43.52 7.94
N ASP A 117 -22.70 -44.57 8.75
CA ASP A 117 -22.28 -44.45 10.13
C ASP A 117 -20.78 -44.25 10.32
N GLN A 118 -19.97 -44.63 9.34
CA GLN A 118 -18.52 -44.49 9.50
C GLN A 118 -17.99 -43.08 9.32
N ILE A 119 -18.74 -42.25 8.62
CA ILE A 119 -18.32 -40.88 8.39
C ILE A 119 -18.06 -40.19 9.75
N HIS A 120 -18.99 -40.38 10.69
CA HIS A 120 -18.91 -39.77 12.01
C HIS A 120 -17.59 -40.01 12.73
N PHE A 121 -16.97 -41.16 12.49
CA PHE A 121 -15.71 -41.44 13.16
C PHE A 121 -14.59 -40.51 12.67
N PHE A 122 -14.57 -40.26 11.36
CA PHE A 122 -13.57 -39.39 10.77
C PHE A 122 -13.84 -37.92 11.10
N PHE A 123 -15.12 -37.53 11.20
CA PHE A 123 -15.44 -36.15 11.55
C PHE A 123 -14.90 -35.90 12.94
N ALA A 124 -14.92 -36.94 13.77
CA ALA A 124 -14.41 -36.84 15.12
C ALA A 124 -12.90 -36.67 15.08
N LYS A 125 -12.23 -37.41 14.21
CA LYS A 125 -10.77 -37.31 14.08
C LYS A 125 -10.43 -35.89 13.62
N LEU A 126 -11.09 -35.42 12.57
CA LEU A 126 -10.87 -34.06 12.08
C LEU A 126 -11.04 -33.07 13.24
N ASN A 127 -12.18 -33.14 13.91
CA ASN A 127 -12.44 -32.23 15.02
C ASN A 127 -11.32 -32.33 16.06
N CYS A 128 -10.73 -33.53 16.21
CA CYS A 128 -9.64 -33.74 17.17
C CYS A 128 -8.42 -32.90 16.81
N ARG A 129 -8.07 -32.91 15.53
CA ARG A 129 -6.92 -32.18 15.03
C ARG A 129 -7.12 -30.67 14.99
N LEU A 130 -8.37 -30.24 14.83
CA LEU A 130 -8.66 -28.82 14.79
C LEU A 130 -8.61 -28.18 16.16
N TYR A 131 -9.09 -28.87 17.18
CA TYR A 131 -9.16 -28.23 18.49
C TYR A 131 -8.29 -28.83 19.59
N ARG A 132 -7.52 -29.87 19.28
CA ARG A 132 -6.68 -30.48 20.30
C ARG A 132 -5.20 -30.63 19.92
N LYS A 133 -4.47 -29.53 20.04
CA LYS A 133 -3.04 -29.51 19.72
C LYS A 133 -2.28 -28.81 20.85
N ALA A 134 -1.10 -29.34 21.19
CA ALA A 134 -0.27 -28.77 22.25
C ALA A 134 0.27 -27.40 21.82
N ASN A 135 0.49 -27.26 20.52
CA ASN A 135 0.99 -26.01 19.96
C ASN A 135 0.12 -24.87 20.48
N LYS A 136 -1.08 -24.76 19.90
CA LYS A 136 -2.03 -23.73 20.28
C LYS A 136 -1.48 -22.33 20.08
N SER A 137 -1.02 -22.08 18.85
CA SER A 137 -0.50 -20.76 18.50
C SER A 137 -1.70 -19.83 18.53
N SER A 138 -2.72 -20.20 17.78
CA SER A 138 -3.95 -19.43 17.76
C SER A 138 -4.94 -20.24 18.59
N LYS A 139 -5.97 -19.57 19.09
CA LYS A 139 -7.01 -20.22 19.86
C LYS A 139 -8.13 -20.67 18.91
N LEU A 140 -8.38 -21.97 18.84
CA LEU A 140 -9.47 -22.47 18.03
C LEU A 140 -10.18 -23.54 18.84
N VAL A 141 -11.35 -23.19 19.37
CA VAL A 141 -12.18 -24.08 20.21
C VAL A 141 -13.56 -24.34 19.64
N SER A 142 -14.15 -25.47 19.99
CA SER A 142 -15.49 -25.83 19.52
C SER A 142 -16.27 -26.49 20.65
N ALA A 143 -17.59 -26.33 20.66
CA ALA A 143 -18.42 -26.93 21.69
C ALA A 143 -19.78 -27.29 21.15
N ASN A 144 -20.14 -28.56 21.26
CA ASN A 144 -21.44 -29.01 20.81
C ASN A 144 -22.28 -29.40 22.02
N ARG A 145 -23.59 -29.30 21.89
CA ARG A 145 -24.49 -29.70 22.95
C ARG A 145 -25.90 -29.90 22.44
N LEU A 146 -26.61 -30.80 23.12
CA LEU A 146 -27.98 -31.11 22.75
C LEU A 146 -28.90 -30.59 23.86
N PHE A 147 -30.08 -30.11 23.51
CA PHE A 147 -31.02 -29.65 24.53
C PHE A 147 -32.37 -30.33 24.27
N GLY A 148 -32.67 -31.36 25.06
CA GLY A 148 -33.92 -32.12 24.87
C GLY A 148 -34.97 -31.81 25.91
N ASP A 149 -36.24 -31.98 25.53
CA ASP A 149 -37.33 -31.70 26.47
C ASP A 149 -37.21 -32.60 27.71
N LYS A 150 -37.33 -31.98 28.86
CA LYS A 150 -37.24 -32.63 30.15
C LYS A 150 -38.23 -33.78 30.41
N SER A 151 -39.37 -33.82 29.72
CA SER A 151 -40.32 -34.91 29.99
C SER A 151 -40.14 -36.17 29.14
N LEU A 152 -39.32 -36.07 28.10
CA LEU A 152 -39.10 -37.19 27.19
C LEU A 152 -37.98 -38.11 27.58
N THR A 153 -38.03 -39.32 27.06
CA THR A 153 -37.00 -40.29 27.32
C THR A 153 -36.25 -40.47 26.03
N PHE A 154 -35.01 -39.99 26.01
CA PHE A 154 -34.23 -40.08 24.83
C PHE A 154 -33.50 -41.38 24.72
N ASN A 155 -33.45 -41.88 23.49
CA ASN A 155 -32.77 -43.09 23.16
C ASN A 155 -31.37 -43.04 23.77
N GLU A 156 -30.98 -44.13 24.41
CA GLU A 156 -29.71 -44.21 25.09
C GLU A 156 -28.45 -44.34 24.24
N THR A 157 -28.49 -45.07 23.12
CA THR A 157 -27.27 -45.15 22.35
C THR A 157 -27.05 -43.81 21.64
N TYR A 158 -28.12 -43.23 21.10
CA TYR A 158 -28.04 -41.93 20.44
C TYR A 158 -27.40 -40.94 21.42
N GLN A 159 -27.90 -40.91 22.64
CA GLN A 159 -27.33 -39.98 23.60
C GLN A 159 -25.83 -40.30 23.73
N ASP A 160 -25.50 -41.58 23.87
CA ASP A 160 -24.12 -42.01 24.04
C ASP A 160 -23.15 -41.67 22.93
N ILE A 161 -23.53 -41.96 21.69
CA ILE A 161 -22.68 -41.66 20.53
C ILE A 161 -22.44 -40.17 20.35
N SER A 162 -23.47 -39.36 20.57
CA SER A 162 -23.35 -37.93 20.43
C SER A 162 -22.39 -37.35 21.45
N GLU A 163 -22.46 -37.85 22.68
CA GLU A 163 -21.55 -37.34 23.70
C GLU A 163 -20.14 -37.85 23.46
N LEU A 164 -20.06 -39.00 22.84
CA LEU A 164 -18.77 -39.61 22.56
C LEU A 164 -18.09 -38.96 21.36
N VAL A 165 -18.75 -39.03 20.21
CA VAL A 165 -18.26 -38.49 18.93
C VAL A 165 -18.15 -36.96 18.79
N TYR A 166 -19.13 -36.24 19.33
CA TYR A 166 -19.16 -34.79 19.21
C TYR A 166 -19.06 -34.06 20.54
N GLY A 167 -18.83 -34.83 21.61
CA GLY A 167 -18.71 -34.22 22.91
C GLY A 167 -20.00 -33.51 23.24
N ALA A 168 -21.07 -33.93 22.58
CA ALA A 168 -22.35 -33.29 22.80
C ALA A 168 -23.19 -33.93 23.91
N LYS A 169 -23.24 -33.28 25.07
CA LYS A 169 -24.05 -33.79 26.18
C LYS A 169 -25.52 -33.40 25.95
N LEU A 170 -26.44 -34.18 26.48
CA LEU A 170 -27.83 -33.85 26.31
C LEU A 170 -28.29 -33.07 27.53
N GLN A 171 -28.59 -31.79 27.40
CA GLN A 171 -29.06 -31.02 28.54
C GLN A 171 -30.59 -30.97 28.56
N PRO A 172 -31.18 -31.17 29.74
CA PRO A 172 -32.64 -31.15 29.87
C PRO A 172 -33.17 -29.74 29.85
N LEU A 173 -34.30 -29.54 29.18
CA LEU A 173 -34.92 -28.22 29.16
C LEU A 173 -36.44 -28.41 29.06
N ASP A 174 -37.18 -27.52 29.70
CA ASP A 174 -38.62 -27.63 29.65
C ASP A 174 -39.15 -26.82 28.50
N PHE A 175 -39.34 -27.47 27.36
CA PHE A 175 -39.87 -26.82 26.17
C PHE A 175 -41.40 -26.85 26.28
N LYS A 176 -41.92 -27.92 26.89
CA LYS A 176 -43.37 -28.11 27.08
C LYS A 176 -44.05 -26.97 27.82
N GLU A 177 -43.44 -26.45 28.87
CA GLU A 177 -44.03 -25.35 29.63
C GLU A 177 -43.23 -24.04 29.67
N ASN A 178 -42.06 -24.00 29.04
CA ASN A 178 -41.23 -22.79 29.07
C ASN A 178 -40.32 -22.63 27.88
N ALA A 179 -40.91 -22.64 26.69
CA ALA A 179 -40.12 -22.48 25.49
C ALA A 179 -39.22 -21.25 25.53
N GLU A 180 -39.80 -20.10 25.88
CA GLU A 180 -39.03 -18.86 25.93
C GLU A 180 -37.89 -18.93 26.90
N GLN A 181 -38.14 -19.50 28.07
CA GLN A 181 -37.08 -19.61 29.07
C GLN A 181 -35.96 -20.46 28.51
N SER A 182 -36.35 -21.54 27.82
CA SER A 182 -35.42 -22.49 27.23
C SER A 182 -34.54 -21.90 26.16
N ARG A 183 -35.17 -21.15 25.25
CA ARG A 183 -34.45 -20.51 24.18
C ARG A 183 -33.41 -19.58 24.80
N ALA A 184 -33.84 -18.71 25.70
CA ALA A 184 -32.89 -17.79 26.31
C ALA A 184 -31.75 -18.58 26.95
N ALA A 185 -32.07 -19.79 27.42
CA ALA A 185 -31.09 -20.65 28.06
C ALA A 185 -30.08 -21.12 27.04
N ILE A 186 -30.56 -21.56 25.88
CA ILE A 186 -29.67 -22.02 24.83
C ILE A 186 -28.77 -20.89 24.32
N ASN A 187 -29.39 -19.79 23.86
CA ASN A 187 -28.62 -18.68 23.34
C ASN A 187 -27.49 -18.29 24.28
N LYS A 188 -27.78 -18.28 25.58
CA LYS A 188 -26.76 -17.94 26.57
C LYS A 188 -25.67 -19.01 26.64
N TRP A 189 -26.04 -20.28 26.61
CA TRP A 189 -25.00 -21.31 26.63
C TRP A 189 -24.05 -21.04 25.44
N VAL A 190 -24.67 -20.74 24.29
CA VAL A 190 -23.93 -20.45 23.07
C VAL A 190 -23.03 -19.22 23.29
N SER A 191 -23.60 -18.20 23.93
CA SER A 191 -22.85 -16.99 24.23
C SER A 191 -21.63 -17.33 25.08
N ASN A 192 -21.78 -18.19 26.07
CA ASN A 192 -20.62 -18.50 26.89
C ASN A 192 -19.53 -19.23 26.16
N LYS A 193 -19.89 -19.89 25.08
CA LYS A 193 -18.91 -20.64 24.28
C LYS A 193 -18.35 -19.80 23.15
N THR A 194 -18.88 -18.59 22.98
CA THR A 194 -18.43 -17.70 21.91
C THR A 194 -17.97 -16.38 22.47
N GLU A 195 -17.46 -16.41 23.71
CA GLU A 195 -16.96 -15.21 24.38
C GLU A 195 -17.90 -14.03 24.24
N GLY A 196 -19.20 -14.33 24.20
CA GLY A 196 -20.20 -13.28 24.09
C GLY A 196 -20.42 -12.77 22.68
N ARG A 197 -19.66 -13.29 21.72
CA ARG A 197 -19.80 -12.87 20.33
C ARG A 197 -21.13 -13.31 19.70
N ILE A 198 -21.57 -14.53 20.01
CA ILE A 198 -22.84 -15.03 19.48
C ILE A 198 -23.93 -14.97 20.55
N THR A 199 -24.63 -13.86 20.53
CA THR A 199 -25.67 -13.55 21.48
C THR A 199 -27.10 -14.05 21.22
N ASP A 200 -27.47 -14.23 19.96
CA ASP A 200 -28.83 -14.61 19.66
C ASP A 200 -29.08 -15.70 18.61
N VAL A 201 -28.22 -16.70 18.52
CA VAL A 201 -28.39 -17.77 17.54
C VAL A 201 -29.83 -18.15 17.21
N ILE A 202 -30.68 -18.25 18.24
CA ILE A 202 -32.07 -18.64 18.00
C ILE A 202 -33.10 -17.50 18.10
N PRO A 203 -33.77 -17.19 16.99
CA PRO A 203 -34.78 -16.11 16.98
C PRO A 203 -35.88 -16.40 18.00
N SER A 204 -36.45 -15.34 18.54
CA SER A 204 -37.49 -15.40 19.56
C SER A 204 -38.55 -16.51 19.56
N GLU A 205 -39.42 -16.55 18.55
CA GLU A 205 -40.50 -17.54 18.55
C GLU A 205 -40.26 -18.87 17.83
N ALA A 206 -38.99 -19.27 17.66
CA ALA A 206 -38.67 -20.50 16.96
C ALA A 206 -38.82 -21.76 17.81
N ILE A 207 -38.83 -21.60 19.11
CA ILE A 207 -38.98 -22.74 19.98
C ILE A 207 -40.34 -22.66 20.72
N ASN A 208 -41.10 -23.75 20.73
CA ASN A 208 -42.41 -23.78 21.40
C ASN A 208 -42.75 -25.12 22.06
N GLU A 209 -43.93 -25.17 22.70
CA GLU A 209 -44.45 -26.32 23.43
C GLU A 209 -44.23 -27.66 22.75
N LEU A 210 -44.13 -27.63 21.43
CA LEU A 210 -43.94 -28.86 20.70
C LEU A 210 -42.49 -29.24 20.46
N THR A 211 -41.57 -28.31 20.74
CA THR A 211 -40.13 -28.53 20.54
C THR A 211 -39.60 -29.75 21.30
N VAL A 212 -39.05 -30.70 20.56
CA VAL A 212 -38.52 -31.92 21.13
C VAL A 212 -37.03 -31.87 21.42
N LEU A 213 -36.26 -31.22 20.54
CA LEU A 213 -34.82 -31.15 20.69
C LEU A 213 -34.13 -30.05 19.89
N VAL A 214 -33.04 -29.52 20.43
CA VAL A 214 -32.25 -28.49 19.73
C VAL A 214 -30.76 -28.91 19.68
N LEU A 215 -30.26 -29.18 18.49
CA LEU A 215 -28.88 -29.58 18.30
C LEU A 215 -28.08 -28.31 18.05
N VAL A 216 -26.97 -28.15 18.77
CA VAL A 216 -26.18 -26.94 18.62
C VAL A 216 -24.69 -27.12 18.48
N ASN A 217 -24.09 -26.34 17.59
CA ASN A 217 -22.63 -26.35 17.41
C ASN A 217 -22.14 -24.94 17.65
N THR A 218 -20.91 -24.81 18.10
CA THR A 218 -20.31 -23.51 18.31
C THR A 218 -18.83 -23.61 17.98
N ILE A 219 -18.27 -22.51 17.45
CA ILE A 219 -16.86 -22.44 17.12
C ILE A 219 -16.41 -21.05 17.49
N TYR A 220 -15.23 -20.95 18.08
CA TYR A 220 -14.67 -19.69 18.49
C TYR A 220 -13.21 -19.65 18.03
N PHE A 221 -12.82 -18.53 17.42
CA PHE A 221 -11.46 -18.38 16.93
C PHE A 221 -10.91 -17.00 17.24
N LYS A 222 -9.60 -16.99 17.50
CA LYS A 222 -8.89 -15.75 17.75
C LYS A 222 -7.42 -15.96 17.44
N GLY A 223 -6.93 -15.19 16.49
CA GLY A 223 -5.54 -15.31 16.10
C GLY A 223 -4.85 -13.97 16.02
N LEU A 224 -3.52 -14.03 16.14
CA LEU A 224 -2.70 -12.84 16.06
C LEU A 224 -2.01 -12.88 14.72
N TRP A 225 -1.94 -11.71 14.08
CA TRP A 225 -1.25 -11.66 12.81
C TRP A 225 0.21 -12.12 13.01
N LYS A 226 0.71 -12.94 12.10
CA LYS A 226 2.10 -13.34 12.16
C LYS A 226 2.93 -12.08 11.83
N SER A 227 2.26 -11.11 11.18
CA SER A 227 2.83 -9.79 10.80
C SER A 227 1.74 -8.75 11.12
N LYS A 228 1.75 -8.20 12.34
CA LYS A 228 0.75 -7.21 12.77
C LYS A 228 0.74 -5.86 12.05
N PHE A 229 -0.30 -5.09 12.31
CA PHE A 229 -0.44 -3.77 11.73
C PHE A 229 -0.20 -2.78 12.87
N SER A 230 0.50 -1.68 12.58
CA SER A 230 0.74 -0.64 13.57
C SER A 230 -0.44 0.28 13.34
N PRO A 231 -1.07 0.76 14.43
CA PRO A 231 -2.22 1.66 14.34
C PRO A 231 -1.91 3.07 13.82
N GLU A 232 -0.67 3.53 14.00
CA GLU A 232 -0.32 4.87 13.51
C GLU A 232 -0.58 4.91 12.01
N ASN A 233 -0.22 3.83 11.33
CA ASN A 233 -0.41 3.72 9.90
C ASN A 233 -1.88 3.62 9.53
N THR A 234 -2.73 3.41 10.54
CA THR A 234 -4.16 3.29 10.30
C THR A 234 -4.76 4.70 10.24
N ARG A 235 -5.45 5.01 9.14
CA ARG A 235 -6.06 6.33 8.93
C ARG A 235 -7.53 6.26 8.52
N LYS A 236 -8.32 7.24 8.93
CA LYS A 236 -9.72 7.28 8.53
C LYS A 236 -9.78 7.46 7.01
N GLU A 237 -10.92 7.12 6.42
CA GLU A 237 -11.11 7.24 4.98
C GLU A 237 -12.59 7.13 4.65
N LEU A 238 -13.13 8.14 3.99
CA LEU A 238 -14.54 8.10 3.64
C LEU A 238 -14.82 6.89 2.78
N PHE A 239 -15.90 6.18 3.10
CA PHE A 239 -16.30 4.98 2.37
C PHE A 239 -17.66 5.21 1.75
N TYR A 240 -17.70 5.27 0.43
CA TYR A 240 -18.92 5.52 -0.32
C TYR A 240 -19.87 4.32 -0.47
N LYS A 241 -21.02 4.37 0.20
CA LYS A 241 -22.02 3.28 0.10
C LYS A 241 -22.65 3.31 -1.29
N ALA A 242 -22.84 2.12 -1.89
CA ALA A 242 -23.41 2.01 -3.24
C ALA A 242 -24.47 3.06 -3.49
N ASP A 243 -25.61 2.92 -2.84
CA ASP A 243 -26.69 3.88 -3.00
C ASP A 243 -26.58 4.94 -1.90
N GLY A 244 -26.40 6.18 -2.31
CA GLY A 244 -26.31 7.24 -1.32
C GLY A 244 -24.93 7.78 -1.03
N GLU A 245 -24.74 8.17 0.22
CA GLU A 245 -23.49 8.76 0.67
C GLU A 245 -22.47 7.80 1.29
N SER A 246 -21.53 8.40 2.02
CA SER A 246 -20.45 7.64 2.62
C SER A 246 -20.45 7.72 4.12
N CYS A 247 -19.65 6.85 4.73
CA CYS A 247 -19.46 6.79 6.17
C CYS A 247 -17.95 6.57 6.36
N SER A 248 -17.42 7.03 7.49
CA SER A 248 -16.01 6.89 7.81
C SER A 248 -15.56 5.41 7.84
N ALA A 249 -14.25 5.18 7.88
CA ALA A 249 -13.70 3.83 7.91
C ALA A 249 -12.23 3.85 8.28
N SER A 250 -11.84 2.97 9.18
CA SER A 250 -10.44 2.91 9.60
C SER A 250 -9.69 1.99 8.65
N MET A 251 -8.69 2.52 7.97
CA MET A 251 -7.92 1.70 7.04
C MET A 251 -6.58 1.41 7.65
N MET A 252 -6.16 0.16 7.59
CA MET A 252 -4.89 -0.22 8.18
C MET A 252 -3.87 -0.32 7.06
N TYR A 253 -2.62 -0.05 7.38
CA TYR A 253 -1.57 -0.09 6.40
C TYR A 253 -0.40 -0.89 6.89
N GLN A 254 0.18 -1.67 6.00
CA GLN A 254 1.33 -2.48 6.34
C GLN A 254 2.07 -2.78 5.05
N GLU A 255 3.38 -2.93 5.16
CA GLU A 255 4.21 -3.24 4.01
C GLU A 255 5.03 -4.45 4.45
N GLY A 256 5.14 -5.45 3.58
CA GLY A 256 5.89 -6.67 3.94
C GLY A 256 5.75 -7.84 2.95
N LYS A 257 6.42 -8.95 3.25
CA LYS A 257 6.36 -10.15 2.39
C LYS A 257 5.09 -10.93 2.76
N PHE A 258 4.33 -11.31 1.73
CA PHE A 258 3.07 -12.05 1.86
C PHE A 258 2.85 -12.92 0.62
N ARG A 259 2.28 -14.10 0.79
CA ARG A 259 2.02 -14.94 -0.39
C ARG A 259 0.87 -14.22 -1.10
N TYR A 260 1.05 -13.91 -2.36
CA TYR A 260 0.07 -13.14 -3.10
C TYR A 260 -0.01 -13.60 -4.54
N ARG A 261 -1.02 -13.12 -5.25
CA ARG A 261 -1.15 -13.48 -6.65
C ARG A 261 -2.25 -12.78 -7.38
N ARG A 262 -1.90 -12.13 -8.48
CA ARG A 262 -2.89 -11.46 -9.30
C ARG A 262 -3.25 -12.52 -10.32
N VAL A 263 -4.51 -12.94 -10.37
CA VAL A 263 -4.90 -13.98 -11.32
C VAL A 263 -5.80 -13.46 -12.44
N ALA A 264 -6.49 -14.36 -13.11
CA ALA A 264 -7.35 -13.99 -14.23
C ALA A 264 -8.27 -12.81 -13.96
N GLU A 265 -8.48 -12.00 -15.00
CA GLU A 265 -9.35 -10.84 -14.91
C GLU A 265 -8.92 -9.84 -13.84
N GLY A 266 -7.68 -9.97 -13.38
CA GLY A 266 -7.18 -9.01 -12.42
C GLY A 266 -7.61 -9.18 -11.00
N THR A 267 -8.07 -10.38 -10.66
CA THR A 267 -8.49 -10.66 -9.31
C THR A 267 -7.27 -10.93 -8.48
N GLN A 268 -7.19 -10.31 -7.31
CA GLN A 268 -6.06 -10.52 -6.41
C GLN A 268 -6.39 -11.53 -5.31
N VAL A 269 -5.45 -12.42 -5.01
CA VAL A 269 -5.63 -13.39 -3.94
C VAL A 269 -4.49 -13.05 -2.97
N LEU A 270 -4.82 -12.75 -1.73
CA LEU A 270 -3.82 -12.38 -0.74
C LEU A 270 -3.92 -13.19 0.53
N GLU A 271 -2.84 -13.84 0.94
CA GLU A 271 -2.90 -14.63 2.16
C GLU A 271 -2.28 -13.94 3.39
N LEU A 272 -3.07 -13.85 4.46
CA LEU A 272 -2.59 -13.23 5.71
C LEU A 272 -2.57 -14.32 6.78
N PRO A 273 -1.39 -14.91 7.04
CA PRO A 273 -1.19 -15.98 8.03
C PRO A 273 -1.24 -15.48 9.45
N PHE A 274 -1.75 -16.33 10.33
CA PHE A 274 -1.82 -16.02 11.75
C PHE A 274 -0.63 -16.70 12.43
N LYS A 275 -0.26 -16.25 13.63
CA LYS A 275 0.86 -16.87 14.33
C LYS A 275 0.78 -18.40 14.35
N GLY A 276 1.79 -19.04 13.78
CA GLY A 276 1.80 -20.49 13.73
C GLY A 276 1.73 -20.97 12.30
N ASP A 277 1.12 -20.15 11.43
CA ASP A 277 0.99 -20.47 10.02
C ASP A 277 -0.03 -21.57 9.73
N ASP A 278 -0.55 -22.23 10.77
CA ASP A 278 -1.54 -23.30 10.59
C ASP A 278 -2.94 -22.76 10.18
N ILE A 279 -3.24 -21.53 10.57
CA ILE A 279 -4.51 -20.91 10.22
C ILE A 279 -4.24 -19.58 9.52
N THR A 280 -4.84 -19.40 8.35
CA THR A 280 -4.64 -18.16 7.60
C THR A 280 -5.94 -17.55 7.14
N MET A 281 -5.90 -16.26 6.83
CA MET A 281 -7.07 -15.58 6.30
C MET A 281 -6.72 -15.29 4.86
N VAL A 282 -7.64 -15.65 3.97
CA VAL A 282 -7.41 -15.38 2.57
C VAL A 282 -8.40 -14.31 2.09
N LEU A 283 -7.88 -13.28 1.44
CA LEU A 283 -8.73 -12.22 0.92
C LEU A 283 -8.80 -12.38 -0.61
N ILE A 284 -9.98 -12.31 -1.18
CA ILE A 284 -10.12 -12.36 -2.62
C ILE A 284 -10.81 -11.08 -3.09
N LEU A 285 -10.13 -10.30 -3.94
CA LEU A 285 -10.74 -9.06 -4.43
C LEU A 285 -10.72 -8.97 -5.93
N PRO A 286 -11.88 -8.74 -6.53
CA PRO A 286 -12.02 -8.62 -7.99
C PRO A 286 -11.31 -7.35 -8.38
N LYS A 287 -11.06 -7.12 -9.67
CA LYS A 287 -10.39 -5.89 -10.08
C LYS A 287 -11.38 -4.74 -9.93
N PRO A 288 -10.88 -3.52 -9.79
CA PRO A 288 -11.76 -2.35 -9.64
C PRO A 288 -12.77 -2.28 -10.76
N GLU A 289 -14.03 -2.01 -10.41
CA GLU A 289 -15.10 -1.92 -11.41
C GLU A 289 -15.29 -3.25 -12.14
N LYS A 290 -15.20 -4.34 -11.39
CA LYS A 290 -15.42 -5.68 -11.92
C LYS A 290 -16.31 -6.28 -10.83
N SER A 291 -17.36 -6.99 -11.23
CA SER A 291 -18.28 -7.57 -10.25
C SER A 291 -17.82 -8.85 -9.58
N LEU A 292 -18.08 -8.90 -8.29
CA LEU A 292 -17.72 -10.05 -7.47
C LEU A 292 -18.58 -11.27 -7.81
N ALA A 293 -19.82 -11.02 -8.19
CA ALA A 293 -20.76 -12.08 -8.51
C ALA A 293 -20.23 -13.14 -9.47
N LYS A 294 -19.39 -12.73 -10.40
CA LYS A 294 -18.84 -13.66 -11.37
C LYS A 294 -17.87 -14.65 -10.73
N VAL A 295 -17.08 -14.15 -9.79
CA VAL A 295 -16.11 -14.97 -9.06
C VAL A 295 -16.84 -15.99 -8.15
N GLU A 296 -17.88 -15.53 -7.48
CA GLU A 296 -18.68 -16.35 -6.59
C GLU A 296 -19.33 -17.48 -7.35
N LYS A 297 -19.87 -17.17 -8.52
CA LYS A 297 -20.53 -18.20 -9.31
C LYS A 297 -19.57 -19.24 -9.85
N GLU A 298 -18.28 -18.99 -9.77
CA GLU A 298 -17.33 -19.98 -10.24
C GLU A 298 -16.58 -20.52 -9.05
N LEU A 299 -16.96 -20.06 -7.86
CA LEU A 299 -16.31 -20.50 -6.64
C LEU A 299 -16.50 -21.99 -6.48
N THR A 300 -15.41 -22.67 -6.14
CA THR A 300 -15.44 -24.11 -6.01
C THR A 300 -14.22 -24.57 -5.19
N PRO A 301 -14.29 -25.74 -4.54
CA PRO A 301 -13.12 -26.16 -3.77
C PRO A 301 -11.82 -26.20 -4.56
N GLU A 302 -11.89 -26.69 -5.81
CA GLU A 302 -10.71 -26.79 -6.68
C GLU A 302 -10.23 -25.42 -7.17
N VAL A 303 -11.18 -24.57 -7.56
CA VAL A 303 -10.88 -23.22 -8.00
C VAL A 303 -10.01 -22.57 -6.90
N LEU A 304 -10.49 -22.72 -5.66
CA LEU A 304 -9.79 -22.16 -4.50
C LEU A 304 -8.40 -22.79 -4.36
N GLN A 305 -8.33 -24.11 -4.50
CA GLN A 305 -7.05 -24.78 -4.37
C GLN A 305 -6.11 -24.20 -5.44
N GLU A 306 -6.64 -23.98 -6.63
CA GLU A 306 -5.86 -23.42 -7.73
C GLU A 306 -5.23 -22.08 -7.35
N TRP A 307 -6.06 -21.16 -6.86
CA TRP A 307 -5.59 -19.84 -6.45
C TRP A 307 -4.52 -20.00 -5.39
N LEU A 308 -4.83 -20.82 -4.39
CA LEU A 308 -3.91 -21.07 -3.30
C LEU A 308 -2.56 -21.59 -3.78
N ASP A 309 -2.61 -22.42 -4.82
CA ASP A 309 -1.40 -22.99 -5.38
C ASP A 309 -0.53 -22.02 -6.18
N GLU A 310 -1.09 -20.91 -6.63
CA GLU A 310 -0.33 -19.96 -7.43
C GLU A 310 0.28 -18.82 -6.64
N LEU A 311 -0.03 -18.73 -5.36
CA LEU A 311 0.51 -17.64 -4.56
C LEU A 311 2.02 -17.83 -4.46
N GLU A 312 2.76 -16.72 -4.56
CA GLU A 312 4.22 -16.71 -4.47
C GLU A 312 4.54 -15.62 -3.45
N GLU A 313 5.67 -15.72 -2.75
CA GLU A 313 6.00 -14.69 -1.76
C GLU A 313 6.27 -13.40 -2.51
N MET A 314 5.75 -12.29 -2.02
CA MET A 314 6.00 -11.03 -2.72
C MET A 314 6.04 -9.84 -1.77
N MET A 315 6.87 -8.87 -2.09
CA MET A 315 6.94 -7.68 -1.26
C MET A 315 5.72 -6.91 -1.69
N LEU A 316 4.85 -6.55 -0.75
CA LEU A 316 3.67 -5.83 -1.18
C LEU A 316 3.16 -4.91 -0.09
N VAL A 317 2.30 -3.98 -0.47
CA VAL A 317 1.70 -3.08 0.50
C VAL A 317 0.26 -3.56 0.68
N VAL A 318 -0.23 -3.57 1.91
CA VAL A 318 -1.58 -4.02 2.20
C VAL A 318 -2.40 -2.97 2.94
N HIS A 319 -3.51 -2.56 2.36
CA HIS A 319 -4.43 -1.63 3.01
C HIS A 319 -5.64 -2.52 3.32
N MET A 320 -6.09 -2.53 4.57
CA MET A 320 -7.23 -3.35 4.96
C MET A 320 -7.98 -2.73 6.16
N PRO A 321 -9.31 -2.59 6.01
CA PRO A 321 -10.14 -2.01 7.06
C PRO A 321 -10.12 -2.70 8.42
N ARG A 322 -10.30 -1.89 9.46
CA ARG A 322 -10.37 -2.31 10.84
C ARG A 322 -11.89 -2.43 10.96
N PHE A 323 -12.43 -3.64 11.10
CA PHE A 323 -13.88 -3.75 11.12
C PHE A 323 -14.43 -4.99 11.84
N ARG A 324 -15.75 -5.14 11.77
CA ARG A 324 -16.44 -6.28 12.37
C ARG A 324 -17.78 -6.43 11.68
N ILE A 325 -18.16 -7.65 11.34
CA ILE A 325 -19.45 -7.87 10.72
C ILE A 325 -20.18 -9.01 11.43
N GLU A 326 -21.51 -9.02 11.34
CA GLU A 326 -22.29 -10.07 11.99
C GLU A 326 -23.39 -10.51 11.04
N ASP A 327 -23.50 -11.81 10.84
CA ASP A 327 -24.52 -12.31 9.95
C ASP A 327 -25.37 -13.31 10.75
N GLY A 328 -26.66 -13.34 10.47
CA GLY A 328 -27.55 -14.25 11.17
C GLY A 328 -28.57 -14.68 10.16
N PHE A 329 -29.07 -15.90 10.23
CA PHE A 329 -30.08 -16.32 9.28
C PHE A 329 -30.55 -17.75 9.39
N SER A 330 -31.64 -18.04 8.71
CA SER A 330 -32.20 -19.36 8.69
C SER A 330 -31.52 -20.11 7.55
N LEU A 331 -31.40 -21.43 7.69
CA LEU A 331 -30.74 -22.26 6.71
C LEU A 331 -31.68 -23.19 5.97
N LYS A 332 -32.94 -23.25 6.38
CA LYS A 332 -33.85 -24.18 5.73
C LYS A 332 -34.00 -23.97 4.23
N GLU A 333 -34.38 -22.75 3.85
CA GLU A 333 -34.60 -22.37 2.46
C GLU A 333 -33.52 -22.90 1.50
N GLN A 334 -32.27 -22.46 1.68
CA GLN A 334 -31.21 -22.90 0.78
C GLN A 334 -30.93 -24.37 0.85
N LEU A 335 -30.89 -24.92 2.07
CA LEU A 335 -30.63 -26.36 2.22
C LEU A 335 -31.71 -27.19 1.50
N GLN A 336 -32.96 -26.72 1.51
CA GLN A 336 -33.97 -27.50 0.81
C GLN A 336 -33.57 -27.46 -0.67
N ASP A 337 -33.31 -26.24 -1.16
CA ASP A 337 -32.92 -26.04 -2.55
C ASP A 337 -31.71 -26.86 -2.98
N MET A 338 -30.86 -27.20 -2.01
CA MET A 338 -29.67 -27.99 -2.31
C MET A 338 -29.99 -29.48 -2.21
N GLY A 339 -31.20 -29.81 -1.77
CA GLY A 339 -31.57 -31.21 -1.66
C GLY A 339 -32.13 -31.75 -0.35
N LEU A 340 -31.90 -31.09 0.79
CA LEU A 340 -32.44 -31.57 2.06
C LEU A 340 -33.92 -31.23 2.11
N VAL A 341 -34.79 -32.18 1.80
CA VAL A 341 -36.21 -31.87 1.82
C VAL A 341 -36.96 -32.63 2.91
N ASP A 342 -36.71 -33.93 3.00
CA ASP A 342 -37.37 -34.75 4.00
C ASP A 342 -37.23 -34.21 5.43
N LEU A 343 -35.99 -34.02 5.88
CA LEU A 343 -35.73 -33.54 7.22
C LEU A 343 -36.62 -32.38 7.69
N PHE A 344 -37.08 -31.55 6.76
CA PHE A 344 -37.93 -30.41 7.15
C PHE A 344 -39.43 -30.69 7.01
N SER A 345 -39.75 -31.85 6.45
CA SER A 345 -41.12 -32.29 6.21
C SER A 345 -41.75 -33.04 7.37
N PRO A 346 -42.74 -32.42 8.02
CA PRO A 346 -43.42 -33.06 9.15
C PRO A 346 -43.90 -34.47 8.77
N GLU A 347 -44.29 -34.64 7.52
CA GLU A 347 -44.79 -35.91 7.05
C GLU A 347 -43.70 -36.93 6.76
N LYS A 348 -42.68 -36.49 6.02
CA LYS A 348 -41.59 -37.36 5.58
C LYS A 348 -40.33 -37.54 6.43
N SER A 349 -40.06 -36.61 7.34
CA SER A 349 -38.85 -36.70 8.14
C SER A 349 -38.75 -38.00 8.91
N LYS A 350 -37.59 -38.65 8.82
CA LYS A 350 -37.35 -39.90 9.52
C LYS A 350 -36.18 -39.79 10.51
N LEU A 351 -36.49 -39.46 11.76
CA LEU A 351 -35.47 -39.32 12.79
C LEU A 351 -35.71 -40.27 13.98
N PRO A 352 -35.95 -41.56 13.69
CA PRO A 352 -36.23 -42.64 14.65
C PRO A 352 -35.22 -42.93 15.75
N GLY A 353 -33.97 -42.51 15.59
CA GLY A 353 -32.96 -42.80 16.60
C GLY A 353 -32.90 -41.89 17.81
N ILE A 354 -33.50 -40.72 17.71
CA ILE A 354 -33.46 -39.75 18.80
C ILE A 354 -34.28 -40.15 20.03
N VAL A 355 -35.61 -40.20 19.89
CA VAL A 355 -36.50 -40.54 21.00
C VAL A 355 -36.87 -42.00 21.07
N ALA A 356 -36.68 -42.58 22.25
CA ALA A 356 -37.00 -43.98 22.45
C ALA A 356 -38.49 -44.08 22.78
N GLU A 357 -38.90 -43.25 23.74
CA GLU A 357 -40.28 -43.19 24.24
C GLU A 357 -40.66 -41.78 24.67
N GLY A 358 -41.73 -41.28 24.06
CA GLY A 358 -42.21 -39.95 24.36
C GLY A 358 -43.03 -39.46 23.20
N ARG A 359 -42.58 -38.38 22.57
CA ARG A 359 -43.30 -37.78 21.43
C ARG A 359 -42.44 -37.81 20.16
N ASP A 360 -42.40 -38.95 19.47
CA ASP A 360 -41.57 -39.04 18.28
C ASP A 360 -42.13 -38.79 16.85
N ASP A 361 -41.30 -39.10 15.87
CA ASP A 361 -41.52 -38.86 14.45
C ASP A 361 -41.42 -37.37 14.30
N LEU A 362 -40.17 -36.98 14.49
CA LEU A 362 -39.69 -35.64 14.49
C LEU A 362 -39.22 -35.23 13.11
N TYR A 363 -39.21 -33.92 12.91
CA TYR A 363 -38.78 -33.30 11.67
C TYR A 363 -38.15 -32.01 12.16
N VAL A 364 -37.21 -31.44 11.40
CA VAL A 364 -36.57 -30.19 11.77
C VAL A 364 -37.52 -29.06 11.41
N SER A 365 -37.85 -28.20 12.36
CA SER A 365 -38.76 -27.13 12.04
C SER A 365 -37.96 -26.04 11.35
N ASP A 366 -36.69 -25.95 11.70
CA ASP A 366 -35.84 -24.92 11.13
C ASP A 366 -34.44 -25.04 11.70
N ALA A 367 -33.50 -24.34 11.08
CA ALA A 367 -32.11 -24.31 11.52
C ALA A 367 -31.59 -22.90 11.41
N PHE A 368 -30.82 -22.47 12.40
CA PHE A 368 -30.30 -21.12 12.41
C PHE A 368 -28.78 -21.10 12.48
N HIS A 369 -28.21 -19.96 12.09
CA HIS A 369 -26.77 -19.78 12.09
C HIS A 369 -26.53 -18.33 12.39
N LYS A 370 -25.44 -18.04 13.07
CA LYS A 370 -25.10 -16.67 13.38
C LYS A 370 -23.58 -16.65 13.43
N ALA A 371 -22.99 -15.62 12.85
CA ALA A 371 -21.54 -15.54 12.77
C ALA A 371 -21.02 -14.17 13.09
N PHE A 372 -19.77 -14.11 13.50
CA PHE A 372 -19.15 -12.86 13.87
C PHE A 372 -17.66 -12.80 13.52
N LEU A 373 -17.28 -11.72 12.84
CA LEU A 373 -15.90 -11.53 12.47
C LEU A 373 -15.44 -10.13 12.83
N GLU A 374 -14.31 -10.03 13.52
CA GLU A 374 -13.75 -8.75 13.84
C GLU A 374 -12.28 -8.78 13.46
N VAL A 375 -11.85 -7.74 12.74
CA VAL A 375 -10.46 -7.64 12.29
C VAL A 375 -9.84 -6.33 12.72
N ASN A 376 -8.63 -6.41 13.24
CA ASN A 376 -7.90 -5.21 13.63
C ASN A 376 -6.40 -5.39 13.43
N GLU A 377 -5.65 -4.46 14.01
CA GLU A 377 -4.20 -4.45 13.89
C GLU A 377 -3.53 -5.68 14.50
N GLU A 378 -4.08 -6.16 15.62
CA GLU A 378 -3.51 -7.32 16.34
C GLU A 378 -3.71 -8.64 15.62
N GLY A 379 -4.91 -8.83 15.11
CA GLY A 379 -5.23 -10.07 14.40
C GLY A 379 -6.72 -10.12 14.10
N SER A 380 -7.30 -11.31 14.19
CA SER A 380 -8.73 -11.49 13.89
C SER A 380 -9.49 -12.33 14.93
N GLU A 381 -10.78 -12.06 15.08
CA GLU A 381 -11.63 -12.80 16.00
C GLU A 381 -12.94 -13.19 15.29
N ALA A 382 -13.18 -14.51 15.19
CA ALA A 382 -14.39 -15.04 14.54
C ALA A 382 -15.11 -16.09 15.39
N ALA A 383 -16.44 -16.05 15.37
CA ALA A 383 -17.27 -17.01 16.12
C ALA A 383 -18.52 -17.32 15.36
N ALA A 384 -19.04 -18.52 15.56
CA ALA A 384 -20.25 -18.91 14.89
C ALA A 384 -21.05 -19.98 15.66
N SER A 385 -22.31 -20.16 15.28
CA SER A 385 -23.12 -21.18 15.91
C SER A 385 -24.24 -21.62 14.99
N THR A 386 -24.60 -22.88 15.10
CA THR A 386 -25.69 -23.44 14.31
C THR A 386 -26.56 -24.22 15.26
N ALA A 387 -27.86 -23.98 15.16
CA ALA A 387 -28.82 -24.64 16.03
C ALA A 387 -29.93 -25.23 15.20
N VAL A 388 -30.03 -26.54 15.21
CA VAL A 388 -31.07 -27.26 14.47
C VAL A 388 -32.20 -27.47 15.46
N VAL A 389 -33.41 -27.06 15.09
CA VAL A 389 -34.57 -27.19 15.98
C VAL A 389 -35.56 -28.24 15.53
N ILE A 390 -35.78 -29.23 16.40
CA ILE A 390 -36.70 -30.32 16.10
C ILE A 390 -38.09 -30.00 16.59
N ALA A 391 -39.04 -30.00 15.67
CA ALA A 391 -40.45 -29.76 15.95
C ALA A 391 -40.83 -28.47 16.66
N GLY A 392 -40.20 -27.38 16.25
CA GLY A 392 -40.54 -26.09 16.83
C GLY A 392 -41.42 -25.33 15.84
N ARG A 393 -41.61 -24.03 16.04
CA ARG A 393 -42.44 -23.26 15.11
C ARG A 393 -41.54 -22.78 13.98
N SER A 394 -41.88 -23.13 12.74
CA SER A 394 -41.03 -22.68 11.64
C SER A 394 -41.20 -21.17 11.49
N LEU A 395 -40.11 -20.45 11.74
CA LEU A 395 -40.16 -19.00 11.65
C LEU A 395 -40.23 -18.54 10.22
N ASN A 396 -40.18 -17.23 10.05
CA ASN A 396 -40.22 -16.61 8.75
C ASN A 396 -38.90 -15.86 8.60
N PRO A 397 -38.08 -16.24 7.61
CA PRO A 397 -36.78 -15.62 7.34
C PRO A 397 -36.71 -14.11 7.67
N ASN A 398 -36.17 -13.81 8.85
CA ASN A 398 -36.03 -12.42 9.32
C ASN A 398 -34.72 -11.81 8.83
N ARG A 399 -34.80 -10.93 7.84
CA ARG A 399 -33.61 -10.29 7.29
C ARG A 399 -33.21 -9.02 8.03
N VAL A 400 -32.02 -8.51 7.68
CA VAL A 400 -31.46 -7.30 8.24
C VAL A 400 -30.53 -6.77 7.14
N THR A 401 -31.13 -6.21 6.09
CA THR A 401 -30.36 -5.69 4.95
C THR A 401 -29.62 -4.38 5.23
N PHE A 402 -28.68 -4.07 4.34
CA PHE A 402 -27.88 -2.87 4.39
C PHE A 402 -26.89 -3.00 3.24
N LYS A 403 -27.19 -2.34 2.12
CA LYS A 403 -26.32 -2.39 0.95
C LYS A 403 -25.06 -1.55 1.20
N ALA A 404 -23.92 -2.11 0.82
CA ALA A 404 -22.63 -1.43 0.98
C ALA A 404 -22.03 -1.31 -0.40
N ASN A 405 -20.82 -1.83 -0.60
CA ASN A 405 -20.21 -1.72 -1.93
C ASN A 405 -18.82 -2.36 -2.00
N ARG A 406 -18.34 -2.53 -3.24
CA ARG A 406 -17.02 -3.09 -3.50
C ARG A 406 -16.60 -4.14 -2.46
N PRO A 407 -17.38 -5.22 -2.35
CA PRO A 407 -17.03 -6.25 -1.38
C PRO A 407 -15.85 -7.11 -1.82
N PHE A 408 -15.25 -7.80 -0.87
CA PHE A 408 -14.20 -8.73 -1.16
C PHE A 408 -14.52 -10.01 -0.39
N LEU A 409 -14.09 -11.15 -0.91
CA LEU A 409 -14.32 -12.40 -0.23
C LEU A 409 -13.28 -12.60 0.87
N VAL A 410 -13.66 -13.37 1.91
CA VAL A 410 -12.75 -13.70 3.01
C VAL A 410 -12.77 -15.19 3.32
N PHE A 411 -11.69 -15.70 3.90
CA PHE A 411 -11.63 -17.12 4.29
C PHE A 411 -10.67 -17.27 5.46
N ILE A 412 -11.07 -18.06 6.45
CA ILE A 412 -10.17 -18.33 7.57
C ILE A 412 -10.07 -19.83 7.48
N ARG A 413 -8.91 -20.30 7.04
CA ARG A 413 -8.69 -21.72 6.84
C ARG A 413 -7.59 -22.29 7.71
N GLU A 414 -7.66 -23.60 7.93
CA GLU A 414 -6.65 -24.35 8.68
C GLU A 414 -5.99 -25.03 7.48
N VAL A 415 -4.72 -24.72 7.24
CA VAL A 415 -4.02 -25.25 6.08
C VAL A 415 -3.71 -26.74 6.07
N PRO A 416 -3.10 -27.28 7.14
CA PRO A 416 -2.77 -28.72 7.21
C PRO A 416 -3.96 -29.64 6.97
N LEU A 417 -5.11 -29.26 7.53
CA LEU A 417 -6.33 -30.05 7.41
C LEU A 417 -7.24 -29.69 6.24
N ASN A 418 -6.80 -28.76 5.40
CA ASN A 418 -7.54 -28.34 4.22
C ASN A 418 -8.98 -28.01 4.56
N THR A 419 -9.16 -27.28 5.66
CA THR A 419 -10.49 -26.95 6.18
C THR A 419 -10.92 -25.48 6.17
N ILE A 420 -12.06 -25.20 5.58
CA ILE A 420 -12.58 -23.85 5.60
C ILE A 420 -13.39 -23.71 6.90
N ILE A 421 -12.83 -22.99 7.87
CA ILE A 421 -13.49 -22.76 9.15
C ILE A 421 -14.54 -21.64 9.00
N PHE A 422 -14.14 -20.48 8.48
CA PHE A 422 -15.06 -19.38 8.22
C PHE A 422 -14.88 -18.86 6.78
N MET A 423 -15.97 -18.38 6.19
CA MET A 423 -15.94 -17.84 4.84
C MET A 423 -16.98 -16.73 4.73
N GLY A 424 -16.72 -15.72 3.90
CA GLY A 424 -17.69 -14.66 3.79
C GLY A 424 -17.40 -13.56 2.80
N ARG A 425 -18.23 -12.52 2.88
CA ARG A 425 -18.11 -11.39 1.99
C ARG A 425 -18.22 -10.12 2.78
N VAL A 426 -17.09 -9.45 2.97
CA VAL A 426 -17.04 -8.19 3.68
C VAL A 426 -17.38 -7.07 2.70
N ALA A 427 -18.48 -6.38 2.97
CA ALA A 427 -18.91 -5.29 2.11
C ALA A 427 -19.03 -3.98 2.88
N ASN A 428 -19.27 -4.03 4.18
CA ASN A 428 -19.41 -2.79 4.95
C ASN A 428 -18.35 -2.60 6.05
N PRO A 429 -17.25 -1.91 5.73
CA PRO A 429 -16.13 -1.64 6.64
C PRO A 429 -16.44 -0.50 7.60
N CYS A 430 -17.58 0.16 7.40
CA CYS A 430 -17.98 1.27 8.25
C CYS A 430 -18.40 0.74 9.61
N VAL A 431 -19.16 -0.35 9.58
CA VAL A 431 -19.64 -1.00 10.79
C VAL A 431 -19.70 -0.08 12.01
N VAL B 5 36.09 23.00 15.26
CA VAL B 5 35.19 24.05 14.78
C VAL B 5 34.61 23.78 13.38
N ASP B 6 33.45 23.12 13.33
CA ASP B 6 32.81 22.84 12.04
C ASP B 6 31.69 23.83 11.74
N ILE B 7 31.59 24.18 10.47
CA ILE B 7 30.63 25.16 10.00
C ILE B 7 29.16 24.88 10.26
N CYS B 8 28.79 23.63 10.43
CA CYS B 8 27.36 23.35 10.64
C CYS B 8 26.78 23.78 11.97
N THR B 9 27.62 24.04 12.96
CA THR B 9 27.13 24.48 14.25
C THR B 9 27.69 25.86 14.56
N ALA B 10 28.65 26.27 13.72
CA ALA B 10 29.31 27.57 13.87
C ALA B 10 28.44 28.83 13.79
N LYS B 11 28.95 29.89 14.38
CA LYS B 11 28.30 31.19 14.37
C LYS B 11 29.17 31.95 13.36
N PRO B 12 28.63 32.99 12.72
CA PRO B 12 29.45 33.73 11.74
C PRO B 12 30.86 34.17 12.21
N ARG B 13 31.00 34.67 13.43
CA ARG B 13 32.33 35.09 13.87
C ARG B 13 33.36 33.95 13.98
N ASP B 14 32.90 32.71 14.04
CA ASP B 14 33.84 31.59 14.13
C ASP B 14 34.42 31.27 12.75
N ILE B 15 33.86 31.87 11.70
CA ILE B 15 34.32 31.57 10.35
C ILE B 15 34.76 32.78 9.52
N PRO B 16 35.98 33.26 9.75
CA PRO B 16 36.53 34.42 9.03
C PRO B 16 36.56 34.16 7.52
N MET B 17 35.81 34.93 6.76
CA MET B 17 35.75 34.74 5.31
C MET B 17 36.96 35.30 4.59
N ASN B 18 37.40 36.47 5.03
CA ASN B 18 38.54 37.14 4.44
C ASN B 18 38.50 37.14 2.90
N PRO B 19 37.37 37.57 2.32
CA PRO B 19 37.30 37.57 0.86
C PRO B 19 38.12 38.75 0.32
N MET B 20 38.72 38.55 -0.85
CA MET B 20 39.52 39.60 -1.48
C MET B 20 38.69 40.85 -1.76
N CYS B 21 37.41 40.65 -2.12
CA CYS B 21 36.48 41.74 -2.42
C CYS B 21 35.12 41.51 -1.73
N ILE B 22 34.41 42.60 -1.51
CA ILE B 22 33.13 42.57 -0.83
C ILE B 22 32.12 43.42 -1.58
N TYR B 23 30.89 42.94 -1.68
CA TYR B 23 29.83 43.68 -2.33
C TYR B 23 28.72 43.86 -1.31
N ARG B 24 28.20 45.08 -1.21
CA ARG B 24 27.12 45.38 -0.28
C ARG B 24 25.79 45.33 -1.02
N SER B 25 24.91 44.43 -0.59
CA SER B 25 23.60 44.32 -1.21
C SER B 25 22.79 45.54 -0.78
N PRO B 26 21.95 46.07 -1.68
CA PRO B 26 21.12 47.26 -1.43
C PRO B 26 19.88 47.02 -0.57
N GLU B 27 19.07 48.07 -0.46
CA GLU B 27 17.82 48.09 0.30
C GLU B 27 17.99 47.64 1.74
N GLU B 42 6.75 28.40 9.40
CA GLU B 42 8.15 28.75 9.61
C GLU B 42 8.59 28.41 11.04
N ALA B 43 9.88 28.13 11.17
CA ALA B 43 10.51 27.83 12.47
C ALA B 43 11.95 27.46 12.11
N THR B 44 12.29 27.76 10.85
CA THR B 44 13.61 27.50 10.30
C THR B 44 14.46 28.76 10.40
N ASN B 45 15.74 28.63 10.05
CA ASN B 45 16.67 29.74 10.09
C ASN B 45 16.24 30.84 9.12
N ARG B 46 16.09 32.06 9.63
CA ARG B 46 15.68 33.17 8.81
C ARG B 46 16.61 33.38 7.60
N ARG B 47 17.91 33.38 7.84
CA ARG B 47 18.87 33.60 6.77
C ARG B 47 18.92 32.51 5.71
N VAL B 48 18.98 31.24 6.11
CA VAL B 48 19.05 30.18 5.13
C VAL B 48 17.75 30.08 4.38
N TRP B 49 16.70 30.69 4.93
CA TRP B 49 15.40 30.70 4.28
C TRP B 49 15.43 31.78 3.19
N GLU B 50 16.13 32.88 3.49
CA GLU B 50 16.24 33.96 2.51
C GLU B 50 17.13 33.50 1.35
N LEU B 51 18.19 32.76 1.66
CA LEU B 51 19.08 32.28 0.59
C LEU B 51 18.33 31.26 -0.24
N SER B 52 17.31 30.67 0.36
CA SER B 52 16.49 29.69 -0.35
C SER B 52 15.56 30.41 -1.35
N LYS B 53 15.01 31.53 -0.89
CA LYS B 53 14.13 32.38 -1.72
C LYS B 53 15.02 32.83 -2.90
N ALA B 54 16.25 33.23 -2.59
CA ALA B 54 17.20 33.66 -3.61
C ALA B 54 17.39 32.56 -4.66
N ASN B 55 17.80 31.36 -4.21
CA ASN B 55 18.01 30.26 -5.15
C ASN B 55 16.85 29.93 -6.03
N SER B 56 15.64 29.95 -5.48
CA SER B 56 14.43 29.65 -6.27
C SER B 56 14.11 30.75 -7.29
N ARG B 57 14.43 31.99 -6.92
CA ARG B 57 14.22 33.10 -7.83
C ARG B 57 15.08 32.81 -9.09
N PHE B 58 16.35 32.43 -8.87
CA PHE B 58 17.22 32.12 -9.97
C PHE B 58 16.69 30.96 -10.77
N ALA B 59 16.10 29.99 -10.07
CA ALA B 59 15.59 28.80 -10.72
C ALA B 59 14.51 29.04 -11.76
N THR B 60 13.42 29.70 -11.38
CA THR B 60 12.35 29.95 -12.33
C THR B 60 12.76 30.92 -13.47
N THR B 61 13.49 31.97 -13.12
CA THR B 61 13.94 32.88 -14.14
C THR B 61 14.87 32.15 -15.11
N PHE B 62 15.84 31.41 -14.57
CA PHE B 62 16.76 30.69 -15.46
C PHE B 62 15.97 29.70 -16.24
N TYR B 63 15.07 28.99 -15.56
CA TYR B 63 14.24 28.00 -16.25
C TYR B 63 13.41 28.64 -17.35
N GLN B 64 12.84 29.81 -17.09
CA GLN B 64 12.06 30.52 -18.09
C GLN B 64 12.88 30.76 -19.34
N HIS B 65 14.10 31.25 -19.17
CA HIS B 65 14.95 31.50 -20.32
C HIS B 65 15.29 30.21 -21.02
N LEU B 66 15.73 29.21 -20.26
CA LEU B 66 16.11 27.97 -20.88
C LEU B 66 14.97 27.44 -21.74
N ALA B 67 13.76 27.41 -21.18
CA ALA B 67 12.63 26.88 -21.94
C ALA B 67 12.26 27.72 -23.14
N ASP B 68 12.35 29.03 -23.02
CA ASP B 68 12.02 29.87 -24.15
C ASP B 68 12.98 29.61 -25.32
N SER B 69 14.20 29.18 -25.04
CA SER B 69 15.17 28.90 -26.09
C SER B 69 15.01 27.48 -26.60
N LYS B 70 14.03 26.76 -26.05
CA LYS B 70 13.81 25.36 -26.41
C LYS B 70 12.56 25.12 -27.24
N ASN B 71 12.57 24.06 -28.04
CA ASN B 71 11.40 23.71 -28.83
C ASN B 71 10.42 23.04 -27.87
N ASP B 72 9.11 23.28 -28.03
CA ASP B 72 8.14 22.71 -27.09
C ASP B 72 8.07 21.19 -26.93
N ASN B 73 8.56 20.45 -27.91
CA ASN B 73 8.55 19.00 -27.86
C ASN B 73 9.80 18.42 -27.23
N ASP B 74 10.62 19.24 -26.60
CA ASP B 74 11.83 18.73 -25.99
C ASP B 74 11.71 18.74 -24.47
N ASN B 75 12.33 17.74 -23.87
CA ASN B 75 12.36 17.60 -22.42
C ASN B 75 13.41 18.54 -21.89
N ILE B 76 13.35 18.82 -20.60
CA ILE B 76 14.33 19.70 -20.03
C ILE B 76 14.54 19.19 -18.63
N PHE B 77 15.78 19.10 -18.21
CA PHE B 77 16.01 18.69 -16.85
C PHE B 77 17.31 19.30 -16.40
N LEU B 78 17.32 19.77 -15.17
CA LEU B 78 18.50 20.41 -14.63
C LEU B 78 18.34 20.55 -13.14
N SER B 79 19.42 20.89 -12.48
CA SER B 79 19.42 21.10 -11.06
C SER B 79 19.87 22.55 -10.91
N PRO B 80 18.93 23.45 -10.59
CA PRO B 80 19.27 24.86 -10.42
C PRO B 80 20.12 25.04 -9.18
N LEU B 81 19.95 24.16 -8.20
CA LEU B 81 20.73 24.27 -6.97
C LEU B 81 22.19 23.99 -7.28
N SER B 82 22.43 23.08 -8.21
CA SER B 82 23.78 22.72 -8.63
C SER B 82 24.46 23.94 -9.28
N ILE B 83 23.74 24.59 -10.19
CA ILE B 83 24.27 25.75 -10.88
C ILE B 83 24.57 26.87 -9.89
N SER B 84 23.61 27.19 -9.03
CA SER B 84 23.81 28.25 -8.04
C SER B 84 25.02 27.99 -7.16
N THR B 85 25.23 26.72 -6.78
CA THR B 85 26.33 26.31 -5.91
C THR B 85 27.68 26.46 -6.64
N ALA B 86 27.72 26.03 -7.89
CA ALA B 86 28.93 26.13 -8.67
C ALA B 86 29.33 27.57 -8.80
N PHE B 87 28.38 28.43 -9.15
CA PHE B 87 28.74 29.83 -9.33
C PHE B 87 28.96 30.56 -8.01
N ALA B 88 28.44 30.02 -6.92
CA ALA B 88 28.70 30.64 -5.63
C ALA B 88 30.16 30.30 -5.28
N MET B 89 30.61 29.13 -5.70
CA MET B 89 31.97 28.71 -5.43
C MET B 89 32.93 29.64 -6.21
N THR B 90 32.54 29.95 -7.43
CA THR B 90 33.33 30.82 -8.30
C THR B 90 33.35 32.25 -7.74
N LYS B 91 32.23 32.68 -7.15
CA LYS B 91 32.11 34.03 -6.61
C LYS B 91 33.15 34.32 -5.52
N LEU B 92 33.58 33.25 -4.83
CA LEU B 92 34.58 33.38 -3.77
C LEU B 92 35.85 34.10 -4.22
N GLY B 93 36.17 34.09 -5.51
CA GLY B 93 37.36 34.79 -5.93
C GLY B 93 37.04 35.93 -6.90
N ALA B 94 35.78 36.31 -6.95
CA ALA B 94 35.35 37.35 -7.88
C ALA B 94 35.50 38.76 -7.35
N CYS B 95 35.64 39.70 -8.26
CA CYS B 95 35.80 41.07 -7.81
C CYS B 95 35.14 42.08 -8.71
N ASN B 96 34.99 43.29 -8.17
CA ASN B 96 34.40 44.38 -8.93
C ASN B 96 33.08 44.01 -9.62
N ASP B 97 33.01 44.21 -10.93
CA ASP B 97 31.79 43.93 -11.68
C ASP B 97 31.48 42.47 -11.95
N THR B 98 32.49 41.60 -11.86
CA THR B 98 32.28 40.17 -12.07
C THR B 98 31.53 39.74 -10.81
N LEU B 99 31.98 40.28 -9.69
CA LEU B 99 31.41 40.01 -8.39
C LEU B 99 30.00 40.53 -8.27
N GLN B 100 29.74 41.67 -8.90
CA GLN B 100 28.41 42.23 -8.79
C GLN B 100 27.42 41.47 -9.66
N GLN B 101 27.79 41.21 -10.90
CA GLN B 101 26.90 40.47 -11.78
C GLN B 101 26.54 39.12 -11.16
N LEU B 102 27.53 38.40 -10.61
CA LEU B 102 27.25 37.13 -9.95
C LEU B 102 26.20 37.39 -8.85
N MET B 103 26.40 38.41 -8.05
CA MET B 103 25.44 38.67 -6.99
C MET B 103 24.05 39.00 -7.52
N GLU B 104 23.96 39.68 -8.65
CA GLU B 104 22.67 40.06 -9.17
C GLU B 104 21.98 38.96 -9.95
N VAL B 105 22.75 38.30 -10.80
CA VAL B 105 22.20 37.23 -11.62
C VAL B 105 21.60 36.13 -10.76
N PHE B 106 22.31 35.71 -9.70
CA PHE B 106 21.82 34.63 -8.85
C PHE B 106 20.93 35.07 -7.72
N LYS B 107 20.55 36.35 -7.77
CA LYS B 107 19.64 36.92 -6.80
C LYS B 107 20.15 36.93 -5.35
N PHE B 108 21.45 36.76 -5.16
CA PHE B 108 21.99 36.79 -3.81
C PHE B 108 21.91 38.22 -3.30
N ASP B 109 21.87 39.17 -4.22
CA ASP B 109 21.81 40.59 -3.87
C ASP B 109 20.46 40.94 -3.28
N THR B 110 19.51 40.03 -3.42
CA THR B 110 18.16 40.26 -2.91
C THR B 110 17.96 39.84 -1.46
N ILE B 111 19.06 39.64 -0.74
CA ILE B 111 19.02 39.29 0.68
C ILE B 111 19.50 40.58 1.33
N SER B 112 18.65 41.60 1.27
CA SER B 112 18.91 42.94 1.78
C SER B 112 20.03 43.27 2.77
N GLU B 113 20.85 44.25 2.36
CA GLU B 113 21.97 44.77 3.14
C GLU B 113 23.06 43.80 3.54
N LYS B 114 22.84 42.50 3.33
CA LYS B 114 23.84 41.50 3.65
C LYS B 114 25.01 41.65 2.67
N THR B 115 26.23 41.45 3.18
CA THR B 115 27.44 41.55 2.37
C THR B 115 27.67 40.29 1.56
N SER B 116 28.27 40.43 0.40
CA SER B 116 28.51 39.27 -0.45
C SER B 116 29.21 38.14 0.30
N ASP B 117 30.04 38.46 1.29
CA ASP B 117 30.73 37.39 1.99
C ASP B 117 29.75 36.58 2.84
N GLN B 118 28.77 37.24 3.47
CA GLN B 118 27.79 36.56 4.28
C GLN B 118 27.06 35.45 3.51
N ILE B 119 26.79 35.69 2.23
CA ILE B 119 26.11 34.69 1.43
C ILE B 119 26.70 33.27 1.62
N HIS B 120 28.01 33.13 1.55
CA HIS B 120 28.63 31.82 1.69
C HIS B 120 28.40 31.16 3.04
N PHE B 121 28.30 31.96 4.10
CA PHE B 121 28.05 31.36 5.40
C PHE B 121 26.68 30.72 5.27
N PHE B 122 25.69 31.52 4.87
CA PHE B 122 24.33 31.04 4.70
C PHE B 122 24.30 29.80 3.81
N PHE B 123 24.99 29.87 2.67
CA PHE B 123 25.01 28.74 1.75
C PHE B 123 25.48 27.45 2.43
N ALA B 124 26.51 27.56 3.25
CA ALA B 124 27.02 26.41 3.99
C ALA B 124 25.93 25.91 4.96
N LYS B 125 25.19 26.84 5.59
CA LYS B 125 24.13 26.43 6.51
C LYS B 125 23.03 25.70 5.77
N LEU B 126 22.66 26.19 4.59
CA LEU B 126 21.63 25.55 3.79
C LEU B 126 22.11 24.15 3.38
N ASN B 127 23.37 24.05 2.97
CA ASN B 127 23.90 22.77 2.54
C ASN B 127 23.92 21.76 3.67
N CYS B 128 24.26 22.24 4.88
CA CYS B 128 24.30 21.38 6.05
C CYS B 128 22.93 20.73 6.22
N ARG B 129 21.85 21.50 6.18
CA ARG B 129 20.53 20.92 6.35
C ARG B 129 20.15 19.94 5.24
N LEU B 130 20.35 20.36 4.00
CA LEU B 130 20.03 19.57 2.81
C LEU B 130 20.68 18.22 2.73
N TYR B 131 21.99 18.18 2.95
CA TYR B 131 22.71 16.92 2.84
C TYR B 131 22.95 16.35 4.24
N ARG B 132 21.90 16.42 5.07
CA ARG B 132 21.90 15.97 6.47
C ARG B 132 22.55 14.61 6.73
N LYS B 133 22.24 13.64 5.89
CA LYS B 133 22.83 12.30 6.04
C LYS B 133 22.35 11.67 7.35
N ALA B 134 21.14 12.04 7.75
CA ALA B 134 20.56 11.52 8.98
C ALA B 134 19.97 10.13 8.74
N ASN B 135 19.26 9.62 9.74
CA ASN B 135 18.63 8.31 9.64
C ASN B 135 17.38 8.49 8.77
N LYS B 136 17.59 8.99 7.56
CA LYS B 136 16.51 9.25 6.61
C LYS B 136 16.26 8.11 5.64
N SER B 137 15.28 8.29 4.76
CA SER B 137 14.94 7.27 3.78
C SER B 137 15.33 7.66 2.35
N SER B 138 15.34 8.94 2.04
CA SER B 138 15.74 9.37 0.70
C SER B 138 17.19 9.79 0.81
N LYS B 139 17.97 9.53 -0.24
CA LYS B 139 19.40 9.88 -0.24
C LYS B 139 19.63 11.17 -1.08
N LEU B 140 20.12 12.23 -0.44
CA LEU B 140 20.43 13.47 -1.17
C LEU B 140 21.89 13.80 -0.82
N VAL B 141 22.75 13.64 -1.80
CA VAL B 141 24.17 13.82 -1.62
C VAL B 141 24.75 14.88 -2.54
N SER B 142 25.81 15.54 -2.08
CA SER B 142 26.46 16.53 -2.92
C SER B 142 27.97 16.55 -2.77
N ALA B 143 28.69 16.70 -3.88
CA ALA B 143 30.15 16.77 -3.81
C ALA B 143 30.68 17.92 -4.67
N ASN B 144 31.69 18.62 -4.17
CA ASN B 144 32.29 19.73 -4.93
C ASN B 144 33.78 19.53 -4.95
N ARG B 145 34.41 19.99 -6.04
CA ARG B 145 35.84 19.83 -6.12
C ARG B 145 36.55 20.73 -7.12
N LEU B 146 37.76 21.14 -6.74
CA LEU B 146 38.61 22.00 -7.54
C LEU B 146 39.73 21.21 -8.21
N PHE B 147 39.84 21.35 -9.52
CA PHE B 147 40.88 20.67 -10.26
C PHE B 147 41.80 21.75 -10.82
N GLY B 148 42.89 22.04 -10.12
CA GLY B 148 43.83 23.06 -10.58
C GLY B 148 45.06 22.45 -11.22
N ASP B 149 45.70 23.18 -12.14
CA ASP B 149 46.90 22.66 -12.77
C ASP B 149 47.98 22.60 -11.70
N LYS B 150 48.68 21.47 -11.62
CA LYS B 150 49.73 21.24 -10.62
C LYS B 150 50.75 22.37 -10.57
N SER B 151 51.03 22.97 -11.73
CA SER B 151 52.01 24.05 -11.84
C SER B 151 51.59 25.33 -11.14
N LEU B 152 50.31 25.67 -11.21
CA LEU B 152 49.83 26.90 -10.60
C LEU B 152 49.85 26.89 -9.08
N THR B 153 49.80 28.09 -8.52
CA THR B 153 49.79 28.28 -7.08
C THR B 153 48.49 29.02 -6.72
N PHE B 154 47.56 28.32 -6.08
CA PHE B 154 46.30 28.94 -5.73
C PHE B 154 46.31 29.72 -4.43
N ASN B 155 45.50 30.77 -4.38
CA ASN B 155 45.39 31.60 -3.20
C ASN B 155 45.13 30.69 -2.00
N GLU B 156 45.83 30.90 -0.89
CA GLU B 156 45.65 30.10 0.32
C GLU B 156 44.23 30.24 0.87
N THR B 157 43.67 31.45 0.84
CA THR B 157 42.34 31.67 1.36
C THR B 157 41.26 31.04 0.47
N TYR B 158 41.36 31.26 -0.83
CA TYR B 158 40.41 30.66 -1.77
C TYR B 158 40.42 29.15 -1.56
N GLN B 159 41.59 28.58 -1.41
CA GLN B 159 41.69 27.15 -1.22
C GLN B 159 40.94 26.78 0.07
N ASP B 160 41.34 27.42 1.16
CA ASP B 160 40.76 27.12 2.46
C ASP B 160 39.24 27.26 2.55
N ILE B 161 38.72 28.40 2.09
CA ILE B 161 37.28 28.70 2.11
C ILE B 161 36.48 27.79 1.18
N SER B 162 37.00 27.51 0.00
CA SER B 162 36.24 26.64 -0.87
C SER B 162 35.99 25.30 -0.13
N GLU B 163 36.99 24.84 0.62
CA GLU B 163 36.89 23.57 1.36
C GLU B 163 36.07 23.66 2.64
N LEU B 164 36.16 24.79 3.31
CA LEU B 164 35.43 24.98 4.55
C LEU B 164 33.93 25.17 4.33
N VAL B 165 33.58 25.97 3.34
CA VAL B 165 32.18 26.27 3.06
C VAL B 165 31.50 25.27 2.15
N TYR B 166 32.21 24.77 1.15
CA TYR B 166 31.67 23.82 0.19
C TYR B 166 32.23 22.40 0.18
N GLY B 167 33.17 22.12 1.07
CA GLY B 167 33.77 20.80 1.08
C GLY B 167 34.56 20.50 -0.18
N ALA B 168 34.78 21.54 -0.99
CA ALA B 168 35.52 21.35 -2.22
C ALA B 168 36.99 21.27 -1.94
N LYS B 169 37.57 20.12 -2.24
CA LYS B 169 39.00 19.93 -2.07
C LYS B 169 39.66 20.32 -3.37
N LEU B 170 40.95 20.64 -3.29
CA LEU B 170 41.74 21.09 -4.43
C LEU B 170 42.72 20.00 -4.87
N GLN B 171 42.40 19.29 -5.94
CA GLN B 171 43.24 18.22 -6.46
C GLN B 171 44.09 18.77 -7.59
N PRO B 172 45.40 18.49 -7.57
CA PRO B 172 46.31 18.97 -8.61
C PRO B 172 46.24 18.07 -9.84
N LEU B 173 46.10 18.66 -11.02
CA LEU B 173 46.09 17.83 -12.22
C LEU B 173 47.06 18.43 -13.24
N ASP B 174 47.46 17.61 -14.21
CA ASP B 174 48.40 18.09 -15.21
C ASP B 174 47.64 18.41 -16.49
N PHE B 175 47.04 19.60 -16.53
CA PHE B 175 46.32 20.02 -17.72
C PHE B 175 47.32 20.25 -18.84
N LYS B 176 48.41 20.95 -18.51
CA LYS B 176 49.47 21.28 -19.47
C LYS B 176 49.99 20.12 -20.30
N GLU B 177 50.53 19.11 -19.65
CA GLU B 177 51.06 17.97 -20.38
C GLU B 177 50.02 16.89 -20.65
N ASN B 178 49.31 16.47 -19.60
CA ASN B 178 48.30 15.41 -19.77
C ASN B 178 46.86 15.87 -19.66
N ALA B 179 46.37 16.56 -20.68
CA ALA B 179 45.00 17.03 -20.63
C ALA B 179 44.06 15.83 -20.63
N GLU B 180 44.27 14.94 -21.59
CA GLU B 180 43.42 13.76 -21.70
C GLU B 180 43.40 12.93 -20.43
N GLN B 181 44.53 12.84 -19.75
CA GLN B 181 44.58 12.06 -18.53
C GLN B 181 43.86 12.79 -17.42
N SER B 182 43.95 14.12 -17.46
CA SER B 182 43.30 14.94 -16.46
C SER B 182 41.80 14.84 -16.67
N ARG B 183 41.41 14.91 -17.93
CA ARG B 183 40.00 14.84 -18.30
C ARG B 183 39.35 13.52 -17.83
N ALA B 184 40.06 12.41 -17.97
CA ALA B 184 39.50 11.15 -17.54
C ALA B 184 39.40 11.11 -16.04
N ALA B 185 40.33 11.76 -15.35
CA ALA B 185 40.30 11.75 -13.90
C ALA B 185 39.05 12.49 -13.40
N ILE B 186 38.77 13.65 -13.98
CA ILE B 186 37.61 14.43 -13.57
C ILE B 186 36.34 13.65 -13.88
N ASN B 187 36.23 13.16 -15.12
CA ASN B 187 35.07 12.42 -15.57
C ASN B 187 34.78 11.24 -14.64
N LYS B 188 35.83 10.55 -14.23
CA LYS B 188 35.69 9.41 -13.38
C LYS B 188 35.14 9.84 -12.03
N TRP B 189 35.54 11.03 -11.59
CA TRP B 189 35.08 11.55 -10.31
C TRP B 189 33.60 11.91 -10.30
N VAL B 190 33.12 12.61 -11.32
CA VAL B 190 31.69 12.98 -11.34
C VAL B 190 30.83 11.72 -11.40
N SER B 191 31.22 10.80 -12.26
CA SER B 191 30.55 9.52 -12.41
C SER B 191 30.38 8.83 -11.03
N ASN B 192 31.49 8.71 -10.32
CA ASN B 192 31.46 8.07 -9.01
C ASN B 192 30.54 8.79 -8.04
N LYS B 193 30.58 10.13 -8.05
CA LYS B 193 29.74 10.90 -7.13
C LYS B 193 28.26 10.95 -7.54
N THR B 194 27.93 10.42 -8.72
CA THR B 194 26.57 10.39 -9.25
C THR B 194 26.10 8.96 -9.55
N GLU B 195 26.68 8.01 -8.81
CA GLU B 195 26.37 6.58 -8.96
C GLU B 195 26.31 6.21 -10.43
N GLY B 196 27.19 6.80 -11.21
CA GLY B 196 27.25 6.49 -12.62
C GLY B 196 26.19 7.15 -13.49
N ARG B 197 25.33 8.02 -12.94
CA ARG B 197 24.35 8.60 -13.85
C ARG B 197 24.92 9.76 -14.69
N ILE B 198 25.93 10.49 -14.22
CA ILE B 198 26.51 11.58 -15.02
C ILE B 198 27.89 11.15 -15.48
N THR B 199 28.02 10.74 -16.73
CA THR B 199 29.29 10.23 -17.21
C THR B 199 30.42 11.15 -17.70
N ASP B 200 30.62 11.21 -19.01
CA ASP B 200 31.69 12.02 -19.61
C ASP B 200 31.37 13.49 -19.57
N VAL B 201 31.33 14.08 -18.38
CA VAL B 201 30.97 15.48 -18.34
C VAL B 201 31.88 16.25 -19.28
N ILE B 202 33.18 15.97 -19.22
CA ILE B 202 34.13 16.65 -20.11
C ILE B 202 34.41 15.82 -21.36
N PRO B 203 34.00 16.33 -22.54
CA PRO B 203 34.21 15.65 -23.83
C PRO B 203 35.71 15.65 -24.12
N SER B 204 36.18 14.71 -24.94
CA SER B 204 37.61 14.63 -25.24
C SER B 204 38.25 15.91 -25.78
N GLU B 205 37.43 16.80 -26.32
CA GLU B 205 37.97 18.04 -26.87
C GLU B 205 38.48 19.09 -25.87
N ALA B 206 37.59 19.61 -25.03
CA ALA B 206 37.94 20.65 -24.05
C ALA B 206 39.11 20.25 -23.16
N ILE B 207 39.50 21.15 -22.26
CA ILE B 207 40.65 20.94 -21.38
C ILE B 207 41.89 20.86 -22.26
N ASN B 208 42.75 21.88 -22.19
CA ASN B 208 43.97 21.88 -23.00
C ASN B 208 45.27 22.13 -22.24
N GLU B 209 45.70 23.38 -22.22
CA GLU B 209 46.93 23.76 -21.56
C GLU B 209 46.68 25.13 -20.96
N LEU B 210 45.83 25.87 -21.67
CA LEU B 210 45.40 27.22 -21.28
C LEU B 210 44.41 27.06 -20.12
N THR B 211 43.95 25.83 -19.96
CA THR B 211 43.01 25.44 -18.91
C THR B 211 43.78 25.37 -17.61
N VAL B 212 43.40 26.17 -16.63
CA VAL B 212 44.10 26.16 -15.36
C VAL B 212 43.23 25.68 -14.20
N LEU B 213 41.92 25.73 -14.39
CA LEU B 213 41.07 25.31 -13.30
C LEU B 213 39.73 24.78 -13.74
N VAL B 214 39.36 23.63 -13.20
CA VAL B 214 38.06 23.05 -13.51
C VAL B 214 37.30 22.98 -12.19
N LEU B 215 36.26 23.80 -12.04
CA LEU B 215 35.47 23.78 -10.83
C LEU B 215 34.24 22.88 -11.06
N VAL B 216 33.88 22.10 -10.05
CA VAL B 216 32.75 21.18 -10.22
C VAL B 216 31.87 20.87 -9.01
N ASN B 217 30.56 20.93 -9.23
CA ASN B 217 29.56 20.57 -8.22
C ASN B 217 28.77 19.39 -8.81
N THR B 218 28.45 18.43 -7.96
CA THR B 218 27.65 17.28 -8.35
C THR B 218 26.56 17.22 -7.30
N ILE B 219 25.43 16.62 -7.64
CA ILE B 219 24.32 16.46 -6.71
C ILE B 219 23.65 15.16 -7.11
N TYR B 220 23.34 14.33 -6.12
CA TYR B 220 22.73 13.04 -6.43
C TYR B 220 21.57 12.70 -5.53
N PHE B 221 20.46 12.30 -6.14
CA PHE B 221 19.27 11.98 -5.38
C PHE B 221 18.59 10.70 -5.75
N LYS B 222 18.14 9.98 -4.73
CA LYS B 222 17.40 8.75 -4.96
C LYS B 222 16.35 8.62 -3.89
N GLY B 223 15.13 8.39 -4.34
CA GLY B 223 14.04 8.26 -3.39
C GLY B 223 12.98 7.26 -3.78
N LEU B 224 12.30 6.78 -2.77
CA LEU B 224 11.22 5.82 -2.99
C LEU B 224 9.92 6.56 -2.70
N TRP B 225 8.88 6.21 -3.44
CA TRP B 225 7.57 6.81 -3.23
C TRP B 225 7.07 6.46 -1.85
N LYS B 226 6.44 7.41 -1.18
CA LYS B 226 5.88 7.12 0.12
C LYS B 226 4.55 6.37 -0.12
N SER B 227 3.85 6.73 -1.19
CA SER B 227 2.58 6.09 -1.57
C SER B 227 2.89 5.34 -2.88
N LYS B 228 2.93 4.01 -2.81
CA LYS B 228 3.32 3.16 -3.93
C LYS B 228 2.50 3.10 -5.21
N PHE B 229 3.21 3.00 -6.34
CA PHE B 229 2.57 2.83 -7.64
C PHE B 229 2.83 1.36 -7.97
N SER B 230 1.81 0.53 -7.99
CA SER B 230 2.11 -0.85 -8.28
C SER B 230 2.42 -1.07 -9.74
N PRO B 231 3.51 -1.80 -10.02
CA PRO B 231 3.92 -2.10 -11.39
C PRO B 231 2.75 -2.80 -12.08
N GLU B 232 1.99 -3.58 -11.31
CA GLU B 232 0.88 -4.31 -11.90
C GLU B 232 -0.16 -3.40 -12.52
N ASN B 233 -0.22 -2.15 -12.07
CA ASN B 233 -1.20 -1.23 -12.64
C ASN B 233 -0.73 -0.36 -13.83
N THR B 234 0.57 -0.44 -14.14
CA THR B 234 1.14 0.34 -15.23
C THR B 234 0.70 -0.20 -16.59
N ARG B 235 0.22 0.67 -17.47
CA ARG B 235 -0.22 0.20 -18.81
C ARG B 235 0.15 1.19 -19.91
N LYS B 236 0.29 0.71 -21.14
CA LYS B 236 0.59 1.63 -22.25
C LYS B 236 -0.62 2.57 -22.46
N GLU B 237 -0.35 3.85 -22.69
CA GLU B 237 -1.40 4.86 -22.89
C GLU B 237 -0.85 5.93 -23.83
N LEU B 238 -1.74 6.57 -24.56
CA LEU B 238 -1.30 7.62 -25.47
C LEU B 238 -0.90 8.85 -24.68
N PHE B 239 0.13 9.52 -25.17
CA PHE B 239 0.63 10.76 -24.57
C PHE B 239 0.55 11.78 -25.71
N TYR B 240 0.04 12.97 -25.44
CA TYR B 240 -0.12 13.99 -26.49
C TYR B 240 0.91 15.13 -26.57
N LYS B 241 1.89 14.97 -27.46
CA LYS B 241 2.95 15.96 -27.66
C LYS B 241 2.43 17.32 -28.06
N ALA B 242 3.30 18.32 -27.99
CA ALA B 242 2.96 19.68 -28.38
C ALA B 242 2.70 19.80 -29.87
N ASP B 243 3.26 18.90 -30.67
CA ASP B 243 3.07 18.99 -32.11
C ASP B 243 1.79 18.35 -32.60
N GLY B 244 0.85 18.15 -31.68
CA GLY B 244 -0.42 17.57 -32.04
C GLY B 244 -0.51 16.06 -32.24
N GLU B 245 0.62 15.35 -32.29
CA GLU B 245 0.61 13.90 -32.49
C GLU B 245 0.56 13.09 -31.18
N SER B 246 0.61 11.77 -31.29
CA SER B 246 0.55 10.91 -30.10
C SER B 246 1.69 9.93 -30.04
N CYS B 247 1.87 9.32 -28.88
CA CYS B 247 2.88 8.29 -28.75
C CYS B 247 2.52 7.43 -27.55
N SER B 248 3.07 6.22 -27.49
CA SER B 248 2.76 5.29 -26.42
C SER B 248 3.65 5.37 -25.17
N ALA B 249 3.05 5.71 -24.03
CA ALA B 249 3.81 5.82 -22.78
C ALA B 249 3.44 4.76 -21.75
N SER B 250 4.33 4.53 -20.79
CA SER B 250 4.03 3.60 -19.71
C SER B 250 3.38 4.48 -18.63
N MET B 251 2.07 4.34 -18.43
CA MET B 251 1.38 5.14 -17.42
C MET B 251 1.20 4.43 -16.10
N MET B 252 1.78 5.01 -15.06
CA MET B 252 1.64 4.46 -13.71
C MET B 252 0.30 4.97 -13.17
N TYR B 253 -0.29 4.17 -12.27
CA TYR B 253 -1.59 4.52 -11.72
C TYR B 253 -1.82 4.17 -10.25
N GLN B 254 -2.53 5.05 -9.55
CA GLN B 254 -2.88 4.78 -8.16
C GLN B 254 -3.93 5.78 -7.75
N GLU B 255 -4.59 5.48 -6.62
CA GLU B 255 -5.63 6.31 -6.02
C GLU B 255 -5.23 6.43 -4.57
N GLY B 256 -5.34 7.63 -4.02
CA GLY B 256 -4.94 7.85 -2.63
C GLY B 256 -4.88 9.34 -2.33
N LYS B 257 -4.51 9.69 -1.10
CA LYS B 257 -4.45 11.09 -0.70
C LYS B 257 -3.14 11.79 -0.99
N PHE B 258 -3.25 12.95 -1.64
CA PHE B 258 -2.07 13.76 -1.99
C PHE B 258 -2.38 15.23 -1.87
N ARG B 259 -1.38 16.01 -1.52
CA ARG B 259 -1.58 17.45 -1.44
C ARG B 259 -1.80 17.79 -2.92
N TYR B 260 -2.81 18.61 -3.19
CA TYR B 260 -3.18 18.98 -4.55
C TYR B 260 -3.95 20.29 -4.51
N ARG B 261 -4.15 20.87 -5.69
CA ARG B 261 -4.89 22.11 -5.78
C ARG B 261 -5.07 22.48 -7.24
N ARG B 262 -6.30 22.82 -7.60
CA ARG B 262 -6.60 23.23 -8.96
C ARG B 262 -6.44 24.75 -8.94
N VAL B 263 -5.39 25.25 -9.56
CA VAL B 263 -5.16 26.68 -9.54
C VAL B 263 -5.73 27.36 -10.80
N ALA B 264 -5.21 28.53 -11.12
CA ALA B 264 -5.64 29.31 -12.29
C ALA B 264 -5.86 28.57 -13.59
N GLU B 265 -6.96 28.91 -14.24
CA GLU B 265 -7.30 28.35 -15.54
C GLU B 265 -7.19 26.85 -15.67
N GLY B 266 -7.69 26.13 -14.67
CA GLY B 266 -7.67 24.68 -14.69
C GLY B 266 -6.34 23.95 -14.61
N THR B 267 -5.29 24.63 -14.19
CA THR B 267 -4.00 23.95 -14.10
C THR B 267 -3.99 23.17 -12.79
N GLN B 268 -3.52 21.93 -12.87
CA GLN B 268 -3.46 21.05 -11.70
C GLN B 268 -2.08 20.97 -11.12
N VAL B 269 -1.94 21.23 -9.83
CA VAL B 269 -0.63 21.10 -9.15
C VAL B 269 -0.75 19.91 -8.20
N LEU B 270 0.16 18.96 -8.31
CA LEU B 270 0.12 17.76 -7.48
C LEU B 270 1.43 17.51 -6.79
N GLU B 271 1.40 17.17 -5.51
CA GLU B 271 2.63 16.88 -4.80
C GLU B 271 2.72 15.37 -4.43
N LEU B 272 3.76 14.69 -4.89
CA LEU B 272 3.99 13.27 -4.59
C LEU B 272 5.21 13.21 -3.70
N PRO B 273 5.03 12.96 -2.39
CA PRO B 273 6.19 12.91 -1.48
C PRO B 273 7.02 11.61 -1.51
N PHE B 274 8.27 11.69 -1.07
CA PHE B 274 9.12 10.52 -1.01
C PHE B 274 9.22 10.06 0.47
N LYS B 275 9.64 8.82 0.70
CA LYS B 275 9.75 8.35 2.08
C LYS B 275 10.62 9.30 2.91
N GLY B 276 10.01 9.84 3.97
CA GLY B 276 10.72 10.78 4.83
C GLY B 276 9.90 12.08 4.81
N ASP B 277 9.15 12.26 3.71
CA ASP B 277 8.29 13.43 3.52
C ASP B 277 9.07 14.71 3.32
N ASP B 278 10.38 14.68 3.61
CA ASP B 278 11.29 15.81 3.47
C ASP B 278 11.44 16.34 2.03
N ILE B 279 11.44 15.42 1.08
CA ILE B 279 11.61 15.75 -0.32
C ILE B 279 10.39 15.30 -1.10
N THR B 280 9.95 16.12 -2.04
CA THR B 280 8.79 15.71 -2.82
C THR B 280 8.98 15.92 -4.31
N MET B 281 8.00 15.46 -5.09
CA MET B 281 8.02 15.66 -6.51
C MET B 281 6.77 16.48 -6.72
N VAL B 282 6.88 17.59 -7.44
CA VAL B 282 5.71 18.44 -7.69
C VAL B 282 5.43 18.47 -9.17
N LEU B 283 4.20 18.17 -9.57
CA LEU B 283 3.85 18.18 -10.99
C LEU B 283 2.89 19.31 -11.28
N ILE B 284 3.09 19.97 -12.41
CA ILE B 284 2.23 21.06 -12.88
C ILE B 284 1.70 20.68 -14.27
N LEU B 285 0.38 20.45 -14.32
CA LEU B 285 -0.28 19.99 -15.52
C LEU B 285 -1.38 20.95 -15.95
N PRO B 286 -1.16 21.69 -17.05
CA PRO B 286 -2.20 22.61 -17.47
C PRO B 286 -3.33 21.84 -18.10
N LYS B 287 -4.51 22.44 -18.09
CA LYS B 287 -5.65 21.78 -18.69
C LYS B 287 -5.27 21.52 -20.14
N PRO B 288 -5.93 20.55 -20.76
CA PRO B 288 -5.64 20.21 -22.15
C PRO B 288 -5.76 21.37 -23.14
N GLU B 289 -6.66 22.30 -22.87
CA GLU B 289 -6.87 23.43 -23.75
C GLU B 289 -5.67 24.39 -23.83
N LYS B 290 -4.95 24.53 -22.72
CA LYS B 290 -3.81 25.45 -22.63
C LYS B 290 -2.44 24.86 -22.88
N SER B 291 -1.53 25.68 -23.40
CA SER B 291 -0.16 25.28 -23.70
C SER B 291 0.77 25.41 -22.53
N LEU B 292 1.69 24.45 -22.40
CA LEU B 292 2.66 24.50 -21.32
C LEU B 292 3.55 25.73 -21.49
N ALA B 293 3.77 26.15 -22.72
CA ALA B 293 4.56 27.36 -23.01
C ALA B 293 3.92 28.57 -22.32
N LYS B 294 2.60 28.63 -22.39
CA LYS B 294 1.88 29.71 -21.78
C LYS B 294 2.08 29.66 -20.27
N VAL B 295 2.03 28.45 -19.69
CA VAL B 295 2.20 28.34 -18.24
C VAL B 295 3.65 28.63 -17.85
N GLU B 296 4.58 28.20 -18.68
CA GLU B 296 6.01 28.46 -18.44
C GLU B 296 6.27 29.95 -18.37
N LYS B 297 5.67 30.70 -19.30
CA LYS B 297 5.84 32.14 -19.34
C LYS B 297 5.25 32.83 -18.13
N GLU B 298 4.15 32.31 -17.60
CA GLU B 298 3.52 32.92 -16.43
C GLU B 298 4.12 32.44 -15.10
N LEU B 299 4.98 31.42 -15.14
CA LEU B 299 5.55 30.87 -13.92
C LEU B 299 6.60 31.74 -13.28
N THR B 300 6.11 32.61 -12.43
CA THR B 300 6.88 33.57 -11.66
C THR B 300 7.29 32.90 -10.37
N PRO B 301 8.35 33.40 -9.72
CA PRO B 301 8.78 32.79 -8.44
C PRO B 301 7.71 32.95 -7.36
N GLU B 302 7.00 34.07 -7.40
CA GLU B 302 5.97 34.31 -6.39
C GLU B 302 4.70 33.50 -6.68
N VAL B 303 4.41 33.27 -7.96
CA VAL B 303 3.27 32.46 -8.32
C VAL B 303 3.58 31.02 -7.84
N LEU B 304 4.72 30.49 -8.27
CA LEU B 304 5.12 29.15 -7.87
C LEU B 304 5.05 28.93 -6.35
N GLN B 305 5.46 29.94 -5.59
CA GLN B 305 5.42 29.81 -4.16
C GLN B 305 3.96 29.79 -3.71
N GLU B 306 3.16 30.70 -4.29
CA GLU B 306 1.75 30.76 -3.97
C GLU B 306 1.15 29.36 -4.24
N TRP B 307 1.31 28.83 -5.46
CA TRP B 307 0.85 27.48 -5.84
C TRP B 307 1.15 26.53 -4.66
N LEU B 308 2.46 26.27 -4.48
CA LEU B 308 2.98 25.37 -3.45
C LEU B 308 2.42 25.53 -2.05
N ASP B 309 2.04 26.75 -1.70
CA ASP B 309 1.49 27.01 -0.38
C ASP B 309 -0.02 26.82 -0.26
N GLU B 310 -0.72 26.76 -1.39
CA GLU B 310 -2.16 26.59 -1.38
C GLU B 310 -2.56 25.12 -1.44
N LEU B 311 -1.60 24.21 -1.51
CA LEU B 311 -1.92 22.78 -1.60
C LEU B 311 -2.66 22.22 -0.38
N GLU B 312 -3.55 21.26 -0.63
CA GLU B 312 -4.33 20.62 0.44
C GLU B 312 -4.51 19.11 0.19
N GLU B 313 -4.52 18.31 1.27
CA GLU B 313 -4.67 16.85 1.14
C GLU B 313 -6.01 16.49 0.51
N MET B 314 -5.98 15.60 -0.49
CA MET B 314 -7.19 15.22 -1.19
C MET B 314 -7.09 13.84 -1.82
N MET B 315 -8.24 13.20 -2.06
CA MET B 315 -8.33 11.88 -2.70
C MET B 315 -8.47 12.05 -4.19
N LEU B 316 -7.52 11.50 -4.94
CA LEU B 316 -7.58 11.61 -6.39
C LEU B 316 -7.01 10.39 -7.08
N VAL B 317 -7.22 10.35 -8.37
CA VAL B 317 -6.74 9.27 -9.20
C VAL B 317 -5.50 9.85 -9.88
N VAL B 318 -4.39 9.13 -9.84
CA VAL B 318 -3.19 9.63 -10.47
C VAL B 318 -2.70 8.82 -11.67
N HIS B 319 -2.58 9.48 -12.80
CA HIS B 319 -2.06 8.88 -14.01
C HIS B 319 -0.77 9.63 -14.28
N MET B 320 0.35 8.95 -14.15
CA MET B 320 1.66 9.55 -14.35
C MET B 320 2.62 8.62 -15.09
N PRO B 321 3.12 9.08 -16.26
CA PRO B 321 4.04 8.25 -17.04
C PRO B 321 5.35 7.99 -16.32
N ARG B 322 6.02 6.89 -16.70
CA ARG B 322 7.34 6.55 -16.17
C ARG B 322 8.21 7.20 -17.22
N PHE B 323 9.31 7.83 -16.84
CA PHE B 323 10.14 8.43 -17.86
C PHE B 323 11.59 8.57 -17.42
N ARG B 324 12.46 8.69 -18.42
CA ARG B 324 13.87 8.87 -18.20
C ARG B 324 14.29 10.03 -19.08
N ILE B 325 14.85 11.05 -18.46
CA ILE B 325 15.29 12.23 -19.20
C ILE B 325 16.77 12.48 -18.98
N GLU B 326 17.50 12.74 -20.05
CA GLU B 326 18.94 13.07 -19.95
C GLU B 326 19.13 14.36 -20.72
N ASP B 327 19.77 15.33 -20.08
CA ASP B 327 19.93 16.59 -20.73
C ASP B 327 21.29 17.20 -20.42
N GLY B 328 21.75 18.05 -21.34
CA GLY B 328 23.03 18.70 -21.19
C GLY B 328 23.08 19.94 -22.06
N PHE B 329 23.75 20.97 -21.57
CA PHE B 329 23.86 22.20 -22.32
C PHE B 329 24.88 23.15 -21.71
N SER B 330 25.37 24.07 -22.52
CA SER B 330 26.30 25.08 -22.03
C SER B 330 25.41 26.13 -21.41
N LEU B 331 25.86 26.74 -20.33
CA LEU B 331 25.08 27.75 -19.63
C LEU B 331 25.51 29.16 -19.98
N LYS B 332 26.64 29.27 -20.66
CA LYS B 332 27.23 30.56 -21.01
C LYS B 332 26.28 31.55 -21.66
N GLU B 333 25.72 31.17 -22.79
CA GLU B 333 24.81 32.06 -23.50
C GLU B 333 23.61 32.48 -22.65
N GLN B 334 22.96 31.51 -22.04
CA GLN B 334 21.80 31.76 -21.18
C GLN B 334 22.13 32.76 -20.11
N LEU B 335 23.21 32.49 -19.37
CA LEU B 335 23.61 33.37 -18.29
C LEU B 335 23.97 34.78 -18.73
N GLN B 336 24.61 34.88 -19.90
CA GLN B 336 24.98 36.16 -20.48
C GLN B 336 23.73 37.03 -20.68
N ASP B 337 22.70 36.48 -21.34
CA ASP B 337 21.45 37.21 -21.52
C ASP B 337 20.94 37.69 -20.18
N MET B 338 21.01 36.85 -19.16
CA MET B 338 20.52 37.24 -17.86
C MET B 338 21.41 38.30 -17.20
N GLY B 339 22.57 38.58 -17.79
CA GLY B 339 23.43 39.58 -17.20
C GLY B 339 24.81 39.19 -16.73
N LEU B 340 25.14 37.90 -16.77
CA LEU B 340 26.45 37.47 -16.34
C LEU B 340 27.40 37.62 -17.52
N VAL B 341 27.91 38.83 -17.72
CA VAL B 341 28.82 39.07 -18.85
C VAL B 341 30.34 39.10 -18.54
N ASP B 342 30.74 39.83 -17.50
CA ASP B 342 32.17 39.95 -17.17
C ASP B 342 32.94 38.64 -16.98
N LEU B 343 32.32 37.71 -16.25
CA LEU B 343 32.91 36.45 -15.94
C LEU B 343 33.39 35.73 -17.18
N PHE B 344 32.67 35.94 -18.28
CA PHE B 344 33.03 35.27 -19.52
C PHE B 344 33.92 36.06 -20.47
N SER B 345 34.19 37.33 -20.17
CA SER B 345 35.03 38.17 -21.02
C SER B 345 36.49 38.24 -20.59
N PRO B 346 37.41 37.75 -21.42
CA PRO B 346 38.84 37.78 -21.06
C PRO B 346 39.35 39.20 -20.77
N GLU B 347 38.61 40.20 -21.23
CA GLU B 347 39.02 41.57 -21.01
C GLU B 347 38.30 42.21 -19.85
N LYS B 348 37.09 41.76 -19.52
CA LYS B 348 36.38 42.37 -18.41
C LYS B 348 36.37 41.59 -17.10
N SER B 349 36.60 40.28 -17.21
CA SER B 349 36.60 39.36 -16.07
C SER B 349 37.59 39.66 -14.96
N LYS B 350 37.09 39.68 -13.73
CA LYS B 350 37.92 39.92 -12.54
C LYS B 350 37.79 38.81 -11.47
N LEU B 351 38.73 37.87 -11.50
CA LEU B 351 38.80 36.74 -10.54
C LEU B 351 40.18 36.78 -9.85
N PRO B 352 40.55 37.94 -9.29
CA PRO B 352 41.86 37.99 -8.64
C PRO B 352 42.07 37.13 -7.40
N GLY B 353 40.98 36.65 -6.80
CA GLY B 353 41.12 35.84 -5.59
C GLY B 353 41.48 34.38 -5.78
N ILE B 354 41.43 33.87 -7.00
CA ILE B 354 41.69 32.47 -7.22
C ILE B 354 43.14 32.02 -7.32
N VAL B 355 43.83 32.45 -8.37
CA VAL B 355 45.22 32.06 -8.52
C VAL B 355 46.12 33.08 -7.85
N ALA B 356 46.94 32.63 -6.91
CA ALA B 356 47.85 33.51 -6.17
C ALA B 356 48.91 34.17 -7.04
N GLU B 357 49.17 35.45 -6.78
CA GLU B 357 50.18 36.19 -7.50
C GLU B 357 49.71 36.59 -8.90
N GLY B 358 49.21 37.81 -9.02
CA GLY B 358 48.74 38.33 -10.28
C GLY B 358 47.86 37.41 -11.11
N ARG B 359 48.15 37.36 -12.41
CA ARG B 359 47.41 36.54 -13.35
C ARG B 359 46.00 37.12 -13.59
N ASP B 360 45.90 38.44 -13.53
CA ASP B 360 44.62 39.11 -13.75
C ASP B 360 44.20 39.10 -15.21
N ASP B 361 43.34 38.13 -15.54
CA ASP B 361 42.80 37.94 -16.87
C ASP B 361 42.14 36.56 -16.88
N LEU B 362 42.12 35.93 -15.71
CA LEU B 362 41.50 34.62 -15.56
C LEU B 362 40.02 34.84 -15.79
N TYR B 363 39.45 34.05 -16.69
CA TYR B 363 38.03 34.17 -16.99
C TYR B 363 37.42 32.80 -17.26
N VAL B 364 36.10 32.68 -17.15
CA VAL B 364 35.46 31.42 -17.42
C VAL B 364 35.30 31.26 -18.92
N SER B 365 35.93 30.22 -19.45
CA SER B 365 35.85 29.93 -20.87
C SER B 365 34.46 29.35 -21.19
N ASP B 366 34.04 28.37 -20.39
CA ASP B 366 32.73 27.77 -20.57
C ASP B 366 32.21 27.18 -19.26
N ALA B 367 30.93 26.85 -19.25
CA ALA B 367 30.27 26.30 -18.07
C ALA B 367 29.25 25.32 -18.60
N PHE B 368 29.31 24.07 -18.15
CA PHE B 368 28.38 23.05 -18.64
C PHE B 368 27.54 22.35 -17.57
N HIS B 369 26.27 22.13 -17.88
CA HIS B 369 25.38 21.45 -16.97
C HIS B 369 24.95 20.15 -17.61
N LYS B 370 25.00 19.06 -16.86
CA LYS B 370 24.56 17.78 -17.38
C LYS B 370 23.66 17.15 -16.28
N ALA B 371 22.45 16.75 -16.66
CA ALA B 371 21.52 16.18 -15.68
C ALA B 371 20.85 14.88 -16.16
N PHE B 372 20.38 14.12 -15.19
CA PHE B 372 19.74 12.81 -15.41
C PHE B 372 18.52 12.64 -14.48
N LEU B 373 17.45 12.09 -15.02
CA LEU B 373 16.25 11.88 -14.21
C LEU B 373 15.52 10.62 -14.63
N GLU B 374 15.25 9.77 -13.65
CA GLU B 374 14.54 8.52 -13.89
C GLU B 374 13.39 8.45 -12.91
N VAL B 375 12.20 8.23 -13.46
CA VAL B 375 11.01 8.16 -12.64
C VAL B 375 10.24 6.91 -13.00
N ASN B 376 9.84 6.17 -11.98
CA ASN B 376 9.05 4.94 -12.19
C ASN B 376 8.56 4.40 -10.86
N GLU B 377 8.24 3.11 -10.81
CA GLU B 377 7.77 2.48 -9.58
C GLU B 377 9.01 1.83 -8.99
N GLU B 378 9.09 1.78 -7.66
CA GLU B 378 10.22 1.13 -7.00
C GLU B 378 11.57 1.73 -7.35
N GLY B 379 11.59 2.71 -8.25
CA GLY B 379 12.86 3.30 -8.65
C GLY B 379 13.66 2.20 -9.32
N SER B 380 14.86 1.95 -8.81
CA SER B 380 15.72 0.91 -9.38
C SER B 380 14.91 -0.27 -9.94
N ALA B 384 7.78 -5.61 -11.58
CA ALA B 384 9.04 -6.05 -11.01
C ALA B 384 8.80 -7.00 -9.85
N SER B 385 9.03 -6.54 -8.62
CA SER B 385 8.85 -7.41 -7.47
C SER B 385 7.84 -6.94 -6.42
N THR B 386 6.98 -5.99 -6.77
CA THR B 386 6.00 -5.50 -5.80
C THR B 386 4.59 -5.49 -6.35
N ALA B 387 3.65 -5.34 -5.43
CA ALA B 387 2.24 -5.28 -5.75
C ALA B 387 1.58 -4.54 -4.62
N VAL B 388 0.34 -4.13 -4.83
CA VAL B 388 -0.39 -3.43 -3.78
C VAL B 388 -1.81 -3.99 -3.66
N VAL B 389 -2.26 -4.23 -2.43
CA VAL B 389 -3.62 -4.73 -2.26
C VAL B 389 -4.39 -3.79 -1.33
N ILE B 390 -5.41 -3.16 -1.90
CA ILE B 390 -6.25 -2.23 -1.17
C ILE B 390 -7.65 -2.87 -1.06
N ALA B 391 -8.01 -3.31 0.13
CA ALA B 391 -9.31 -3.98 0.30
C ALA B 391 -10.29 -3.17 1.11
N GLY B 392 -11.56 -3.25 0.73
CA GLY B 392 -12.63 -2.55 1.42
C GLY B 392 -12.65 -1.04 1.26
N ARG B 393 -12.25 -0.59 0.07
CA ARG B 393 -12.22 0.84 -0.23
C ARG B 393 -13.28 1.17 -1.24
N SER B 394 -13.93 2.31 -1.04
CA SER B 394 -14.94 2.77 -1.97
C SER B 394 -14.83 4.28 -1.94
N LEU B 395 -14.38 4.85 -3.07
CA LEU B 395 -14.19 6.29 -3.21
C LEU B 395 -15.39 6.93 -3.91
N ASN B 396 -15.48 8.26 -3.81
CA ASN B 396 -16.56 9.01 -4.44
C ASN B 396 -16.41 8.95 -5.95
N PRO B 397 -17.47 8.51 -6.64
CA PRO B 397 -17.48 8.40 -8.10
C PRO B 397 -17.16 9.72 -8.79
N ASN B 398 -17.18 10.79 -8.02
CA ASN B 398 -16.89 12.13 -8.53
C ASN B 398 -15.54 12.58 -8.03
N ARG B 399 -14.57 11.67 -7.96
CA ARG B 399 -13.29 12.09 -7.47
C ARG B 399 -12.49 12.81 -8.54
N VAL B 400 -11.60 13.68 -8.07
CA VAL B 400 -10.72 14.46 -8.92
C VAL B 400 -9.69 13.56 -9.59
N THR B 401 -9.50 13.78 -10.88
CA THR B 401 -8.52 12.99 -11.61
C THR B 401 -7.44 13.88 -12.19
N PHE B 402 -6.24 13.33 -12.19
CA PHE B 402 -5.05 13.97 -12.66
C PHE B 402 -4.43 13.02 -13.66
N LYS B 403 -4.64 13.29 -14.95
CA LYS B 403 -4.10 12.42 -15.99
C LYS B 403 -2.99 13.10 -16.82
N ALA B 404 -1.73 12.88 -16.43
CA ALA B 404 -0.60 13.49 -17.12
C ALA B 404 -0.23 12.83 -18.45
N ASN B 405 -1.06 13.03 -19.46
CA ASN B 405 -0.80 12.45 -20.78
C ASN B 405 -0.57 13.51 -21.84
N ARG B 406 -0.12 14.67 -21.38
CA ARG B 406 0.22 15.81 -22.20
C ARG B 406 1.41 16.46 -21.47
N PRO B 407 2.08 17.43 -22.07
CA PRO B 407 3.21 18.02 -21.34
C PRO B 407 2.97 18.64 -19.97
N PHE B 408 3.94 18.47 -19.06
CA PHE B 408 3.83 19.05 -17.70
C PHE B 408 5.21 19.35 -17.11
N LEU B 409 5.25 20.20 -16.09
CA LEU B 409 6.51 20.52 -15.42
C LEU B 409 6.70 19.62 -14.21
N VAL B 410 7.96 19.38 -13.84
CA VAL B 410 8.28 18.55 -12.68
C VAL B 410 9.34 19.26 -11.83
N PHE B 411 9.19 19.11 -10.51
CA PHE B 411 10.11 19.72 -9.55
C PHE B 411 10.42 18.67 -8.51
N ILE B 412 11.65 18.68 -7.98
CA ILE B 412 11.97 17.79 -6.89
C ILE B 412 12.48 18.76 -5.86
N ARG B 413 11.70 18.94 -4.79
CA ARG B 413 12.07 19.89 -3.74
C ARG B 413 12.22 19.35 -2.32
N GLU B 414 12.97 20.10 -1.53
CA GLU B 414 13.20 19.81 -0.13
C GLU B 414 12.21 20.78 0.48
N VAL B 415 11.14 20.26 1.06
CA VAL B 415 10.08 21.09 1.62
C VAL B 415 10.42 21.93 2.82
N PRO B 416 10.92 21.33 3.89
CA PRO B 416 11.22 22.20 5.04
C PRO B 416 12.10 23.37 4.69
N LEU B 417 12.95 23.20 3.68
CA LEU B 417 13.87 24.26 3.29
C LEU B 417 13.45 25.07 2.08
N ASN B 418 12.29 24.76 1.52
CA ASN B 418 11.79 25.44 0.34
C ASN B 418 12.87 25.56 -0.72
N THR B 419 13.55 24.47 -1.00
CA THR B 419 14.61 24.47 -1.98
C THR B 419 14.25 23.68 -3.21
N ILE B 420 14.46 24.26 -4.38
CA ILE B 420 14.18 23.50 -5.59
C ILE B 420 15.47 22.75 -5.92
N ILE B 421 15.46 21.44 -5.87
CA ILE B 421 16.69 20.70 -6.17
C ILE B 421 16.86 20.38 -7.65
N PHE B 422 15.75 20.06 -8.31
CA PHE B 422 15.76 19.75 -9.72
C PHE B 422 14.46 20.23 -10.30
N MET B 423 14.49 20.54 -11.59
CA MET B 423 13.27 20.96 -12.25
C MET B 423 13.38 20.56 -13.68
N GLY B 424 12.26 20.46 -14.35
CA GLY B 424 12.32 20.07 -15.73
C GLY B 424 10.95 20.14 -16.35
N ARG B 425 10.83 19.51 -17.50
CA ARG B 425 9.60 19.54 -18.25
C ARG B 425 9.52 18.20 -18.94
N VAL B 426 8.36 17.58 -18.91
CA VAL B 426 8.20 16.29 -19.54
C VAL B 426 7.28 16.52 -20.74
N ALA B 427 7.92 16.77 -21.88
CA ALA B 427 7.20 17.03 -23.12
C ALA B 427 7.05 15.71 -23.84
N ASN B 428 7.87 14.74 -23.49
CA ASN B 428 7.76 13.49 -24.19
C ASN B 428 8.36 12.33 -23.40
N PRO B 429 7.52 11.55 -22.72
CA PRO B 429 7.98 10.40 -21.92
C PRO B 429 8.12 9.11 -22.69
N CYS B 430 7.68 9.11 -23.94
CA CYS B 430 7.72 7.93 -24.77
C CYS B 430 9.12 7.46 -25.14
N VAL B 431 9.23 6.18 -25.51
CA VAL B 431 10.52 5.62 -25.91
C VAL B 431 10.63 5.67 -27.43
C ACE C 1 11.29 7.13 -8.22
O ACE C 1 11.09 6.94 -9.42
CH3 ACE C 1 10.59 6.27 -7.17
N SER C 2 12.25 7.94 -7.79
CA SER C 2 12.93 8.82 -8.71
C SER C 2 14.40 8.82 -8.38
N GLU C 3 15.22 8.87 -9.43
CA GLU C 3 16.66 8.95 -9.25
C GLU C 3 17.11 10.14 -10.11
N ALA C 4 17.83 11.06 -9.48
CA ALA C 4 18.26 12.23 -10.22
C ALA C 4 19.66 12.66 -9.86
N ALA C 5 20.36 13.21 -10.85
CA ALA C 5 21.72 13.68 -10.67
C ALA C 5 22.05 14.78 -11.66
N ALA C 6 22.94 15.66 -11.25
CA ALA C 6 23.37 16.73 -12.11
C ALA C 6 24.78 17.15 -11.75
N SER C 7 25.44 17.80 -12.69
CA SER C 7 26.77 18.31 -12.44
C SER C 7 26.92 19.61 -13.20
N THR C 8 27.51 20.59 -12.53
CA THR C 8 27.76 21.87 -13.14
C THR C 8 29.24 22.14 -12.89
N TRP D 1 30.55 21.05 -15.70
CA TRP D 1 31.85 21.56 -15.28
C TRP D 1 32.11 22.98 -15.75
N MET D 2 32.92 23.69 -14.96
CA MET D 2 33.32 25.05 -15.25
C MET D 2 34.80 25.11 -15.58
N ASP D 3 35.10 25.66 -16.75
CA ASP D 3 36.44 25.75 -17.27
C ASP D 3 37.08 27.14 -17.22
N PHE D 4 37.93 27.33 -16.22
CA PHE D 4 38.66 28.58 -16.06
C PHE D 4 39.91 28.47 -16.92
N NH2 D 5 39.90 29.04 -18.02
C1 NDG E . -35.54 -48.38 5.83
C2 NDG E . -36.85 -49.01 5.33
C3 NDG E . -37.57 -49.75 6.49
C4 NDG E . -36.61 -50.76 7.11
C5 NDG E . -35.35 -50.01 7.58
C6 NDG E . -34.32 -50.90 8.25
C7 NDG E . -38.66 -47.35 5.37
C8 NDG E . -39.75 -46.67 4.53
O5 NDG E . -34.70 -49.38 6.46
O3 NDG E . -38.72 -50.43 6.00
O4 NDG E . -37.22 -51.43 8.21
O6 NDG E . -33.14 -50.17 8.55
O7 NDG E . -38.70 -47.26 6.59
N2 NDG E . -37.71 -48.00 4.71
O1 NDG E . -35.80 -47.40 6.77
C1 NDG F . -33.02 -47.45 19.83
C2 NDG F . -33.69 -48.79 20.09
C3 NDG F . -32.70 -49.95 19.83
C4 NDG F . -31.20 -49.53 19.76
C5 NDG F . -30.94 -48.18 19.03
C6 NDG F . -30.12 -48.28 17.75
C7 NDG F . -34.74 -47.78 22.02
C8 NDG F . -34.07 -47.30 23.30
O5 NDG F . -32.18 -47.53 18.70
O3 NDG F . -33.06 -50.64 18.65
O4 NDG F . -30.64 -49.51 21.07
O6 NDG F . -29.25 -47.16 17.61
O7 NDG F . -35.71 -47.16 21.57
N2 NDG F . -34.23 -48.86 21.44
O1 NDG F . -32.21 -47.15 20.92
C1 NDG G . -30.64 -52.21 19.08
C2 NDG G . -31.60 -53.29 18.57
C3 NDG G . -30.98 -54.08 17.41
C4 NDG G . -30.48 -53.11 16.33
C5 NDG G . -29.49 -52.13 16.96
C6 NDG G . -28.96 -51.13 15.96
C7 NDG G . -32.93 -53.90 20.48
C8 NDG G . -34.33 -54.40 20.10
O5 NDG G . -30.14 -51.38 18.01
O3 NDG G . -31.96 -54.96 16.85
O4 NDG G . -29.84 -53.84 15.29
O6 NDG G . -27.54 -51.15 15.93
O7 NDG G . -32.77 -53.26 21.52
N2 NDG G . -31.95 -54.21 19.65
O1 NDG G . -29.55 -52.77 19.75
C1 NDG H . -21.83 -17.85 32.57
C2 NDG H . -22.17 -17.56 34.04
C3 NDG H . -22.39 -18.87 34.80
C4 NDG H . -23.43 -19.74 34.09
C5 NDG H . -23.03 -19.95 32.62
C6 NDG H . -24.09 -20.71 31.84
C7 NDG H . -20.98 -15.49 34.39
C8 NDG H . -21.40 -14.53 35.51
O5 NDG H . -22.86 -18.67 31.96
O3 NDG H . -22.81 -18.60 36.12
O4 NDG H . -23.53 -21.01 34.74
O6 NDG H . -23.59 -21.14 30.58
O7 NDG H . -20.57 -15.04 33.32
N2 NDG H . -21.09 -16.79 34.65
O1 NDG H . -20.62 -18.51 32.49
C1 NDG I . 38.54 49.07 -8.94
C2 NDG I . 39.97 49.53 -8.54
C3 NDG I . 40.51 48.91 -7.22
C4 NDG I . 39.42 48.76 -6.18
C5 NDG I . 38.31 47.96 -6.81
C6 NDG I . 37.23 47.54 -5.84
C7 NDG I . 41.08 47.98 -10.07
C8 NDG I . 40.52 47.65 -11.45
O5 NDG I . 37.68 48.77 -7.82
O3 NDG I . 41.54 49.74 -6.68
O4 NDG I . 39.92 48.10 -5.02
O6 NDG I . 37.65 46.43 -5.06
O7 NDG I . 41.65 47.11 -9.42
N2 NDG I . 40.90 49.23 -9.62
O1 NDG I . 38.58 47.98 -9.79
C1 NAG J . 45.02 36.03 -1.25
C2 NAG J . 46.04 37.16 -1.30
C3 NAG J . 45.91 38.06 -0.05
C4 NAG J . 44.47 38.45 0.23
C5 NAG J . 43.53 37.24 0.16
C6 NAG J . 42.08 37.64 0.26
C7 NAG J . 47.89 36.09 -2.45
C8 NAG J . 48.61 34.76 -2.31
N2 NAG J . 47.39 36.62 -1.34
O1 NAG J . 45.06 35.32 -2.44
O3 NAG J . 46.67 39.24 -0.25
O4 NAG J . 44.41 39.02 1.54
O5 NAG J . 43.69 36.56 -1.10
O6 NAG J . 41.25 36.68 -0.34
O7 NAG J . 47.81 36.62 -3.55
C1 NDG K . 45.24 41.38 2.46
C2 NDG K . 44.15 41.76 3.47
C3 NDG K . 44.15 43.26 3.83
C4 NDG K . 45.57 43.77 4.13
C5 NDG K . 46.52 43.36 2.99
C6 NDG K . 47.95 43.77 3.32
C7 NDG K . 42.41 40.19 3.02
C8 NDG K . 40.96 39.96 2.60
O5 NDG K . 46.52 41.92 2.82
O3 NDG K . 43.34 43.48 4.97
O4 NDG K . 45.56 45.19 4.25
O6 NDG K . 48.17 43.79 4.73
O7 NDG K . 43.08 39.26 3.46
N2 NDG K . 42.86 41.43 2.91
O1 NDG K . 44.89 41.81 1.18
C1 NAG L . 31.61 4.28 -6.45
C2 NAG L . 31.28 2.94 -5.82
C3 NAG L . 31.77 2.98 -4.37
C4 NAG L . 33.25 3.38 -4.29
C5 NAG L . 33.58 4.59 -5.16
C6 NAG L . 35.08 4.76 -5.33
C7 NAG L . 29.44 1.43 -6.23
C8 NAG L . 28.88 0.55 -5.11
N2 NAG L . 29.86 2.66 -5.88
O1 NAG L . 31.13 4.34 -7.75
O3 NAG L . 31.60 1.69 -3.78
O4 NAG L . 33.56 3.72 -2.95
O5 NAG L . 33.03 4.43 -6.48
O6 NAG L . 35.76 4.46 -4.12
O7 NAG L . 29.52 0.99 -7.37
C1 NDG M . 33.38 1.16 -1.54
C2 NDG M . 34.18 0.87 -0.27
C3 NDG M . 35.32 -0.11 -0.57
C4 NDG M . 34.76 -1.37 -1.27
C5 NDG M . 33.98 -0.93 -2.50
C6 NDG M . 33.42 -2.05 -3.33
C7 NDG M . 35.73 2.74 -0.32
C8 NDG M . 35.44 4.06 -1.00
O5 NDG M . 32.90 -0.07 -2.10
O3 NDG M . 35.97 -0.49 0.63
O4 NDG M . 35.82 -2.23 -1.65
O6 NDG M . 33.62 -1.79 -4.70
O7 NDG M . 36.89 2.31 -0.31
N2 NDG M . 34.72 2.12 0.27
O1 NDG M . 34.22 1.71 -2.49
#